data_2HUF
#
_entry.id   2HUF
#
_cell.length_a   136.964
_cell.length_b   136.964
_cell.length_c   120.473
_cell.angle_alpha   90.00
_cell.angle_beta   90.00
_cell.angle_gamma   120.00
#
_symmetry.space_group_name_H-M   'H 3'
#
loop_
_entity.id
_entity.type
_entity.pdbx_description
1 polymer 'Alanine glyoxylate aminotransferase'
2 non-polymer 1-BUTANOL
3 water water
#
_entity_poly.entity_id   1
_entity_poly.type   'polypeptide(L)'
_entity_poly.pdbx_seq_one_letter_code
;MEYKVTPPAVLREPLVTPNKLLMGPGPSNAPQRVLDAMSRPILGHLHPETLKIMDDIKEGVRYLFQTNNIATFCLSASGH
GGMEATLCNLLEDGDVILIGHTGHWGDRSADMATRYGADVRVVKSKVGQSLSLDEIRDALLIHKPSVLFLTQGDSSTGVL
QGLEGVGALCHQHNCLLIVDTVASLGGAPMFMDRWEIDAMYTGSQ(LLP)VLGAPPGITPVSFSHRAVERYKRRNTKVKV
YYWDMSLVGDYWGCFGRPRIYHHTISSTLLYGLREAIAMACEEGLPALIARHEDCAKRLYRGLQDAGFELYADPKDRLST
VTTIKVPQGVDWLKAAQYAMKTYLVEISGGLGPTAGQVFRIGLMGQNATTERVDRVLQVFQEAVAAVKPDVQVKGKM
;
_entity_poly.pdbx_strand_id   A,B
#
loop_
_chem_comp.id
_chem_comp.type
_chem_comp.name
_chem_comp.formula
1BO non-polymer 1-BUTANOL 'C4 H10 O'
#
# COMPACT_ATOMS: atom_id res chain seq x y z
N MET A 1 -11.86 20.12 24.30
CA MET A 1 -12.31 19.58 25.62
C MET A 1 -13.70 18.91 25.51
N GLU A 2 -14.44 19.24 24.44
CA GLU A 2 -15.74 18.63 24.13
C GLU A 2 -15.56 17.66 22.98
N TYR A 3 -16.00 16.42 23.18
CA TYR A 3 -15.86 15.37 22.18
C TYR A 3 -17.24 14.98 21.63
N LYS A 4 -17.61 15.62 20.51
CA LYS A 4 -18.91 15.39 19.88
C LYS A 4 -19.08 13.96 19.36
N VAL A 5 -17.96 13.33 18.98
CA VAL A 5 -17.97 11.95 18.51
C VAL A 5 -17.50 11.08 19.67
N THR A 6 -18.25 10.02 19.96
CA THR A 6 -17.97 9.19 21.13
C THR A 6 -17.29 7.88 20.73
N PRO A 7 -16.57 7.21 21.67
CA PRO A 7 -15.91 5.94 21.38
C PRO A 7 -16.92 4.92 20.86
N PRO A 8 -16.69 4.38 19.64
CA PRO A 8 -17.72 3.52 19.01
C PRO A 8 -17.97 2.21 19.75
N ALA A 9 -19.25 1.95 20.05
CA ALA A 9 -19.65 0.69 20.69
C ALA A 9 -19.21 -0.54 19.89
N VAL A 10 -19.21 -0.43 18.56
CA VAL A 10 -18.87 -1.55 17.72
C VAL A 10 -17.46 -2.08 17.98
N LEU A 11 -16.56 -1.20 18.38
CA LEU A 11 -15.18 -1.63 18.56
C LEU A 11 -14.97 -2.34 19.89
N ARG A 12 -16.00 -2.31 20.75
CA ARG A 12 -15.97 -3.08 21.99
C ARG A 12 -16.27 -4.55 21.76
N GLU A 13 -16.81 -4.88 20.58
CA GLU A 13 -17.09 -6.27 20.21
C GLU A 13 -15.83 -6.96 19.71
N PRO A 14 -15.77 -8.30 19.81
CA PRO A 14 -14.63 -9.06 19.30
C PRO A 14 -14.49 -8.90 17.80
N LEU A 15 -13.24 -8.83 17.32
CA LEU A 15 -12.93 -8.94 15.90
C LEU A 15 -13.36 -10.34 15.43
N VAL A 16 -14.13 -10.43 14.35
CA VAL A 16 -14.57 -11.74 13.83
C VAL A 16 -14.04 -12.01 12.41
N THR A 17 -13.29 -13.09 12.26
CA THR A 17 -12.69 -13.49 10.98
C THR A 17 -12.85 -14.99 10.73
N PRO A 18 -13.99 -15.38 10.14
CA PRO A 18 -14.25 -16.80 9.84
C PRO A 18 -13.19 -17.39 8.90
N ASN A 19 -12.79 -18.66 9.12
CA ASN A 19 -11.81 -19.33 8.25
C ASN A 19 -12.54 -19.97 7.09
N LYS A 20 -12.39 -19.38 5.92
CA LYS A 20 -13.12 -19.84 4.75
C LYS A 20 -12.18 -20.49 3.77
N LEU A 21 -12.73 -21.27 2.84
CA LEU A 21 -11.97 -21.80 1.74
C LEU A 21 -12.19 -20.86 0.56
N LEU A 22 -11.16 -20.09 0.25
CA LEU A 22 -11.26 -19.03 -0.74
C LEU A 22 -10.93 -19.57 -2.12
N MET A 23 -11.93 -20.16 -2.77
CA MET A 23 -11.78 -20.73 -4.11
C MET A 23 -12.28 -19.78 -5.20
N GLY A 24 -12.36 -18.48 -4.89
CA GLY A 24 -12.52 -17.47 -5.96
C GLY A 24 -11.16 -17.13 -6.58
N PRO A 25 -11.08 -16.07 -7.39
CA PRO A 25 -9.83 -15.74 -8.08
C PRO A 25 -8.85 -14.94 -7.22
N GLY A 26 -9.06 -14.91 -5.90
CA GLY A 26 -8.08 -14.33 -4.99
C GLY A 26 -8.74 -13.37 -4.03
N PRO A 27 -8.21 -13.25 -2.80
CA PRO A 27 -7.00 -13.90 -2.28
C PRO A 27 -7.13 -15.40 -2.08
N SER A 28 -6.01 -16.12 -2.12
CA SER A 28 -6.04 -17.53 -1.76
C SER A 28 -5.68 -17.74 -0.29
N ASN A 29 -6.03 -18.91 0.24
CA ASN A 29 -5.76 -19.23 1.64
C ASN A 29 -4.27 -19.17 1.95
N ALA A 30 -3.89 -18.41 2.99
CA ALA A 30 -2.48 -18.29 3.37
C ALA A 30 -1.96 -19.58 4.02
N PRO A 31 -0.72 -20.00 3.68
CA PRO A 31 -0.10 -21.06 4.49
C PRO A 31 -0.04 -20.66 5.96
N GLN A 32 -0.15 -21.65 6.86
CA GLN A 32 0.04 -21.37 8.28
C GLN A 32 1.38 -20.69 8.54
N ARG A 33 2.41 -21.07 7.80
CA ARG A 33 3.74 -20.50 7.97
C ARG A 33 3.72 -18.99 7.70
N VAL A 34 2.97 -18.58 6.67
CA VAL A 34 2.84 -17.13 6.46
C VAL A 34 1.99 -16.39 7.48
N LEU A 35 0.86 -16.96 7.90
CA LEU A 35 0.11 -16.36 9.00
C LEU A 35 0.94 -16.24 10.30
N ASP A 36 1.66 -17.30 10.63
CA ASP A 36 2.50 -17.29 11.86
C ASP A 36 3.52 -16.14 11.80
N ALA A 37 4.12 -15.96 10.63
CA ALA A 37 5.18 -14.96 10.45
C ALA A 37 4.68 -13.55 10.69
N MET A 38 3.38 -13.34 10.50
CA MET A 38 2.82 -11.99 10.57
C MET A 38 2.49 -11.55 11.99
N SER A 39 2.74 -12.43 12.95
CA SER A 39 2.74 -12.07 14.37
C SER A 39 4.12 -11.64 14.88
N ARG A 40 5.12 -11.65 14.02
CA ARG A 40 6.47 -11.19 14.42
C ARG A 40 6.50 -9.68 14.73
N PRO A 41 7.41 -9.27 15.64
CA PRO A 41 7.47 -7.84 16.00
C PRO A 41 7.85 -6.98 14.81
N ILE A 42 7.33 -5.75 14.84
CA ILE A 42 7.64 -4.73 13.84
C ILE A 42 9.11 -4.35 13.92
N LEU A 43 9.71 -4.11 12.77
CA LEU A 43 11.07 -3.61 12.64
C LEU A 43 11.10 -2.21 12.02
N GLY A 44 12.17 -1.46 12.27
CA GLY A 44 12.36 -0.16 11.60
C GLY A 44 12.50 -0.35 10.10
N HIS A 45 11.98 0.61 9.33
CA HIS A 45 12.00 0.48 7.86
C HIS A 45 13.38 0.54 7.24
N LEU A 46 14.36 1.08 7.98
CA LEU A 46 15.75 1.14 7.48
C LEU A 46 16.75 0.34 8.31
N HIS A 47 16.23 -0.49 9.21
CA HIS A 47 17.07 -1.38 10.02
C HIS A 47 17.73 -2.44 9.15
N PRO A 48 18.96 -2.84 9.50
CA PRO A 48 19.64 -3.87 8.70
C PRO A 48 18.82 -5.15 8.52
N GLU A 49 18.10 -5.55 9.56
CA GLU A 49 17.32 -6.80 9.49
C GLU A 49 16.18 -6.68 8.47
N THR A 50 15.65 -5.46 8.34
CA THR A 50 14.59 -5.19 7.36
C THR A 50 15.18 -5.18 5.95
N LEU A 51 16.31 -4.50 5.77
CA LEU A 51 16.95 -4.47 4.46
C LEU A 51 17.37 -5.88 4.01
N LYS A 52 17.71 -6.73 4.98
CA LYS A 52 18.08 -8.13 4.71
C LYS A 52 16.88 -8.89 4.15
N ILE A 53 15.74 -8.75 4.82
CA ILE A 53 14.50 -9.36 4.33
C ILE A 53 14.18 -8.88 2.90
N MET A 54 14.30 -7.57 2.67
CA MET A 54 14.04 -6.99 1.36
C MET A 54 15.02 -7.56 0.34
N ASP A 55 16.30 -7.63 0.71
CA ASP A 55 17.31 -8.26 -0.17
C ASP A 55 16.94 -9.72 -0.55
N ASP A 56 16.51 -10.50 0.44
CA ASP A 56 16.14 -11.91 0.22
C ASP A 56 14.90 -12.02 -0.68
N ILE A 57 13.92 -11.18 -0.41
CA ILE A 57 12.74 -11.07 -1.30
C ILE A 57 13.14 -10.81 -2.77
N LYS A 58 14.05 -9.87 -3.01
CA LYS A 58 14.56 -9.56 -4.35
C LYS A 58 15.13 -10.80 -5.04
N GLU A 59 15.92 -11.58 -4.31
CA GLU A 59 16.48 -12.80 -4.88
C GLU A 59 15.36 -13.74 -5.27
N GLY A 60 14.38 -13.89 -4.38
CA GLY A 60 13.23 -14.75 -4.65
C GLY A 60 12.38 -14.30 -5.83
N VAL A 61 12.15 -12.98 -5.96
CA VAL A 61 11.37 -12.54 -7.13
C VAL A 61 12.13 -12.71 -8.43
N ARG A 62 13.45 -12.49 -8.39
CA ARG A 62 14.29 -12.76 -9.56
C ARG A 62 14.15 -14.21 -9.99
N TYR A 63 14.12 -15.12 -9.01
CA TYR A 63 13.87 -16.53 -9.31
C TYR A 63 12.51 -16.79 -9.96
N LEU A 64 11.45 -16.32 -9.30
CA LEU A 64 10.09 -16.56 -9.78
C LEU A 64 9.81 -15.90 -11.14
N PHE A 65 10.37 -14.70 -11.36
CA PHE A 65 10.23 -14.01 -12.64
C PHE A 65 11.14 -14.59 -13.72
N GLN A 66 12.21 -15.28 -13.29
CA GLN A 66 13.36 -15.61 -14.15
C GLN A 66 13.96 -14.36 -14.80
N THR A 67 14.48 -13.48 -13.96
CA THR A 67 15.20 -12.28 -14.41
C THR A 67 16.45 -12.04 -13.57
N ASN A 68 17.47 -11.43 -14.19
CA ASN A 68 18.61 -10.89 -13.47
C ASN A 68 18.57 -9.37 -13.36
N ASN A 69 17.41 -8.78 -13.62
CA ASN A 69 17.28 -7.31 -13.60
C ASN A 69 17.69 -6.71 -12.27
N ILE A 70 18.56 -5.72 -12.33
CA ILE A 70 18.93 -5.00 -11.10
C ILE A 70 17.73 -4.24 -10.53
N ALA A 71 16.87 -3.69 -11.40
CA ALA A 71 15.72 -2.89 -10.97
C ALA A 71 14.55 -3.82 -10.64
N THR A 72 14.74 -4.60 -9.57
CA THR A 72 13.73 -5.56 -9.08
C THR A 72 13.46 -5.26 -7.60
N PHE A 73 12.21 -5.05 -7.23
CA PHE A 73 11.83 -4.66 -5.87
C PHE A 73 10.34 -4.94 -5.67
N CYS A 74 9.79 -4.51 -4.55
CA CYS A 74 8.33 -4.57 -4.37
C CYS A 74 7.77 -3.19 -4.11
N LEU A 75 6.54 -2.99 -4.56
CA LEU A 75 5.80 -1.76 -4.29
C LEU A 75 4.92 -1.94 -3.07
N SER A 76 4.83 -0.89 -2.26
CA SER A 76 3.98 -0.93 -1.06
C SER A 76 2.53 -0.56 -1.44
N ALA A 77 1.91 -1.47 -2.16
CA ALA A 77 0.55 -1.29 -2.70
C ALA A 77 0.06 -2.64 -3.18
N SER A 78 -1.25 -2.79 -3.33
CA SER A 78 -1.85 -3.98 -3.88
C SER A 78 -1.48 -4.12 -5.37
N GLY A 79 -1.96 -5.17 -6.02
CA GLY A 79 -1.61 -5.46 -7.43
C GLY A 79 -1.85 -4.32 -8.40
N HIS A 80 -2.95 -3.58 -8.21
CA HIS A 80 -3.22 -2.41 -9.05
C HIS A 80 -2.04 -1.44 -8.99
N GLY A 81 -1.34 -1.39 -7.85
CA GLY A 81 -0.15 -0.53 -7.71
C GLY A 81 0.98 -0.88 -8.68
N GLY A 82 1.09 -2.17 -9.01
CA GLY A 82 2.06 -2.61 -10.02
C GLY A 82 1.69 -2.03 -11.37
N MET A 83 0.41 -2.13 -11.71
CA MET A 83 -0.08 -1.51 -12.94
C MET A 83 0.15 0.00 -12.94
N GLU A 84 -0.21 0.65 -11.84
CA GLU A 84 0.00 2.11 -11.69
C GLU A 84 1.45 2.47 -11.91
N ALA A 85 2.34 1.78 -11.21
CA ALA A 85 3.75 2.17 -11.20
C ALA A 85 4.42 1.91 -12.53
N THR A 86 4.09 0.81 -13.19
CA THR A 86 4.75 0.52 -14.47
C THR A 86 4.32 1.56 -15.52
N LEU A 87 3.04 1.93 -15.51
CA LEU A 87 2.53 2.97 -16.40
C LEU A 87 3.08 4.36 -16.04
N CYS A 88 3.07 4.70 -14.76
CA CYS A 88 3.46 6.01 -14.28
C CYS A 88 4.93 6.29 -14.66
N ASN A 89 5.77 5.29 -14.52
CA ASN A 89 7.22 5.52 -14.76
C ASN A 89 7.58 5.51 -16.24
N LEU A 90 6.82 4.76 -17.03
CA LEU A 90 7.24 4.53 -18.42
C LEU A 90 6.48 5.37 -19.46
N LEU A 91 5.54 6.18 -18.98
CA LEU A 91 4.74 7.05 -19.85
C LEU A 91 4.90 8.51 -19.46
N GLU A 92 5.06 9.35 -20.49
CA GLU A 92 4.94 10.81 -20.36
C GLU A 92 3.77 11.30 -21.23
N ASP A 93 3.32 12.54 -20.98
CA ASP A 93 2.14 13.05 -21.69
C ASP A 93 2.25 12.85 -23.19
N GLY A 94 1.24 12.24 -23.81
CA GLY A 94 1.19 12.11 -25.27
C GLY A 94 1.85 10.86 -25.82
N ASP A 95 2.59 10.12 -24.98
CA ASP A 95 3.16 8.85 -25.43
C ASP A 95 2.05 7.90 -25.90
N VAL A 96 2.29 7.20 -26.99
CA VAL A 96 1.32 6.27 -27.52
C VAL A 96 1.55 4.93 -26.86
N ILE A 97 0.53 4.45 -26.17
CA ILE A 97 0.55 3.12 -25.58
C ILE A 97 -0.55 2.24 -26.20
N LEU A 98 -0.17 1.03 -26.56
CA LEU A 98 -1.13 0.06 -27.09
C LEU A 98 -1.46 -0.93 -25.98
N ILE A 99 -2.76 -1.07 -25.70
CA ILE A 99 -3.25 -2.07 -24.75
C ILE A 99 -3.75 -3.31 -25.50
N GLY A 100 -3.14 -4.45 -25.22
CA GLY A 100 -3.62 -5.73 -25.72
C GLY A 100 -4.71 -6.23 -24.78
N HIS A 101 -5.97 -6.10 -25.20
CA HIS A 101 -7.14 -6.34 -24.34
C HIS A 101 -7.65 -7.80 -24.46
N THR A 102 -7.51 -8.57 -23.39
CA THR A 102 -7.99 -9.94 -23.35
C THR A 102 -9.01 -10.14 -22.23
N GLY A 103 -9.55 -9.01 -21.74
CA GLY A 103 -10.50 -9.00 -20.61
C GLY A 103 -10.43 -7.71 -19.83
N HIS A 104 -11.03 -7.72 -18.65
CA HIS A 104 -11.12 -6.53 -17.79
C HIS A 104 -9.79 -5.77 -17.66
N TRP A 105 -8.69 -6.48 -17.57
CA TRP A 105 -7.43 -5.82 -17.22
C TRP A 105 -6.96 -4.90 -18.34
N GLY A 106 -7.43 -5.15 -19.55
CA GLY A 106 -7.25 -4.22 -20.66
C GLY A 106 -8.00 -2.91 -20.41
N ASP A 107 -9.21 -2.98 -19.85
CA ASP A 107 -9.95 -1.77 -19.53
C ASP A 107 -9.28 -0.97 -18.42
N ARG A 108 -8.80 -1.69 -17.40
CA ARG A 108 -8.25 -1.03 -16.23
C ARG A 108 -6.93 -0.34 -16.61
N SER A 109 -6.06 -1.04 -17.36
CA SER A 109 -4.81 -0.43 -17.83
C SER A 109 -5.05 0.77 -18.78
N ALA A 110 -6.02 0.66 -19.68
CA ALA A 110 -6.37 1.81 -20.54
C ALA A 110 -6.78 3.04 -19.70
N ASP A 111 -7.54 2.78 -18.64
CA ASP A 111 -7.99 3.80 -17.70
C ASP A 111 -6.80 4.51 -17.03
N MET A 112 -5.95 3.74 -16.37
CA MET A 112 -4.79 4.35 -15.73
C MET A 112 -3.93 5.12 -16.74
N ALA A 113 -3.66 4.50 -17.89
CA ALA A 113 -2.83 5.16 -18.90
C ALA A 113 -3.46 6.47 -19.34
N THR A 114 -4.79 6.51 -19.51
CA THR A 114 -5.38 7.80 -19.88
C THR A 114 -5.31 8.82 -18.76
N ARG A 115 -5.53 8.39 -17.51
CA ARG A 115 -5.33 9.27 -16.34
C ARG A 115 -3.94 9.89 -16.26
N TYR A 116 -2.93 9.13 -16.71
CA TYR A 116 -1.54 9.57 -16.67
C TYR A 116 -1.15 10.45 -17.86
N GLY A 117 -2.09 10.67 -18.78
CA GLY A 117 -1.88 11.59 -19.91
C GLY A 117 -1.41 10.95 -21.21
N ALA A 118 -1.42 9.62 -21.26
CA ALA A 118 -1.02 8.90 -22.47
C ALA A 118 -2.08 8.97 -23.58
N ASP A 119 -1.61 8.71 -24.80
CA ASP A 119 -2.44 8.54 -25.99
C ASP A 119 -2.69 7.03 -26.13
N VAL A 120 -3.87 6.62 -25.69
CA VAL A 120 -4.18 5.21 -25.45
C VAL A 120 -4.88 4.57 -26.64
N ARG A 121 -4.30 3.47 -27.12
CA ARG A 121 -4.83 2.68 -28.21
C ARG A 121 -5.13 1.27 -27.68
N VAL A 122 -6.17 0.65 -28.22
CA VAL A 122 -6.57 -0.71 -27.77
C VAL A 122 -6.75 -1.66 -28.94
N VAL A 123 -6.20 -2.87 -28.80
CA VAL A 123 -6.55 -3.99 -29.69
C VAL A 123 -7.17 -5.10 -28.85
N LYS A 124 -8.35 -5.53 -29.27
CA LYS A 124 -9.15 -6.47 -28.49
C LYS A 124 -9.08 -7.87 -29.08
N SER A 125 -8.90 -8.86 -28.21
CA SER A 125 -8.92 -10.25 -28.62
C SER A 125 -10.32 -10.64 -29.06
N LYS A 126 -10.42 -11.77 -29.74
CA LYS A 126 -11.71 -12.43 -29.96
C LYS A 126 -12.25 -12.91 -28.62
N VAL A 127 -13.57 -13.00 -28.50
CA VAL A 127 -14.21 -13.44 -27.25
C VAL A 127 -13.67 -14.80 -26.77
N GLY A 128 -13.25 -14.84 -25.50
CA GLY A 128 -12.72 -16.04 -24.88
C GLY A 128 -11.36 -16.52 -25.37
N GLN A 129 -10.65 -15.66 -26.11
CA GLN A 129 -9.37 -16.03 -26.73
C GLN A 129 -8.25 -15.09 -26.35
N SER A 130 -7.02 -15.56 -26.54
CA SER A 130 -5.86 -14.67 -26.44
C SER A 130 -5.68 -13.91 -27.77
N LEU A 131 -4.82 -12.89 -27.77
CA LEU A 131 -4.41 -12.22 -29.00
C LEU A 131 -3.38 -13.08 -29.73
N SER A 132 -3.49 -13.18 -31.05
CA SER A 132 -2.47 -13.91 -31.80
C SER A 132 -1.28 -12.98 -32.04
N LEU A 133 -0.12 -13.54 -32.41
CA LEU A 133 1.03 -12.70 -32.72
C LEU A 133 0.71 -11.80 -33.92
N ASP A 134 0.03 -12.35 -34.93
CA ASP A 134 -0.41 -11.55 -36.07
C ASP A 134 -1.27 -10.37 -35.66
N GLU A 135 -2.22 -10.59 -34.74
CA GLU A 135 -3.09 -9.49 -34.28
C GLU A 135 -2.29 -8.40 -33.57
N ILE A 136 -1.31 -8.82 -32.76
CA ILE A 136 -0.42 -7.88 -32.12
C ILE A 136 0.45 -7.13 -33.15
N ARG A 137 1.06 -7.88 -34.07
CA ARG A 137 1.89 -7.26 -35.11
C ARG A 137 1.11 -6.22 -35.90
N ASP A 138 -0.11 -6.57 -36.31
CA ASP A 138 -0.96 -5.65 -37.07
C ASP A 138 -1.26 -4.38 -36.32
N ALA A 139 -1.52 -4.51 -35.01
CA ALA A 139 -1.82 -3.36 -34.18
C ALA A 139 -0.59 -2.47 -33.96
N LEU A 140 0.57 -3.09 -33.74
CA LEU A 140 1.83 -2.36 -33.62
C LEU A 140 2.06 -1.52 -34.85
N LEU A 141 1.75 -2.08 -36.01
CA LEU A 141 1.99 -1.41 -37.29
C LEU A 141 1.07 -0.20 -37.46
N ILE A 142 -0.20 -0.36 -37.09
CA ILE A 142 -1.18 0.73 -37.14
C ILE A 142 -0.85 1.87 -36.17
N HIS A 143 -0.51 1.52 -34.93
CA HIS A 143 -0.41 2.52 -33.87
C HIS A 143 0.99 3.07 -33.60
N LYS A 144 2.01 2.28 -33.90
CA LYS A 144 3.41 2.62 -33.65
C LYS A 144 3.62 3.13 -32.22
N PRO A 145 3.25 2.29 -31.24
CA PRO A 145 3.31 2.71 -29.84
C PRO A 145 4.74 2.66 -29.32
N SER A 146 5.01 3.42 -28.25
CA SER A 146 6.28 3.32 -27.55
C SER A 146 6.18 2.32 -26.39
N VAL A 147 4.96 1.98 -25.99
CA VAL A 147 4.73 0.85 -25.06
C VAL A 147 3.53 -0.03 -25.43
N LEU A 148 3.71 -1.33 -25.24
CA LEU A 148 2.66 -2.33 -25.35
C LEU A 148 2.42 -2.93 -23.98
N PHE A 149 1.14 -3.04 -23.62
CA PHE A 149 0.76 -3.60 -22.32
C PHE A 149 -0.05 -4.87 -22.54
N LEU A 150 0.41 -5.99 -21.97
CA LEU A 150 -0.38 -7.23 -22.02
C LEU A 150 -0.59 -7.81 -20.62
N THR A 151 -1.67 -8.55 -20.47
CA THR A 151 -1.97 -9.26 -19.21
C THR A 151 -1.74 -10.74 -19.49
N GLN A 152 -0.76 -11.33 -18.82
CA GLN A 152 -0.47 -12.75 -19.08
C GLN A 152 -1.66 -13.64 -18.66
N GLY A 153 -2.17 -13.44 -17.45
CA GLY A 153 -3.34 -14.20 -16.99
C GLY A 153 -4.48 -13.25 -16.72
N ASP A 154 -5.45 -13.19 -17.62
CA ASP A 154 -6.55 -12.27 -17.38
C ASP A 154 -7.59 -13.00 -16.54
N SER A 155 -7.67 -12.61 -15.28
CA SER A 155 -8.51 -13.28 -14.30
C SER A 155 -10.02 -13.03 -14.51
N SER A 156 -10.38 -12.06 -15.35
CA SER A 156 -11.80 -11.85 -15.65
C SER A 156 -12.30 -12.88 -16.64
N THR A 157 -11.44 -13.27 -17.60
CA THR A 157 -11.86 -14.17 -18.66
C THR A 157 -11.30 -15.59 -18.55
N GLY A 158 -10.32 -15.77 -17.65
CA GLY A 158 -9.66 -17.08 -17.50
C GLY A 158 -8.78 -17.42 -18.69
N VAL A 159 -8.18 -16.39 -19.30
CA VAL A 159 -7.40 -16.51 -20.53
C VAL A 159 -5.91 -16.28 -20.26
N LEU A 160 -5.11 -17.23 -20.74
CA LEU A 160 -3.66 -17.11 -20.73
C LEU A 160 -3.18 -16.57 -22.08
N GLN A 161 -2.49 -15.44 -22.04
CA GLN A 161 -1.93 -14.79 -23.23
C GLN A 161 -0.51 -15.31 -23.51
N GLY A 162 -0.31 -15.84 -24.72
CA GLY A 162 1.01 -16.29 -25.14
C GLY A 162 1.96 -15.12 -25.37
N LEU A 163 3.23 -15.29 -24.98
CA LEU A 163 4.18 -14.18 -25.01
C LEU A 163 5.44 -14.42 -25.83
N GLU A 164 5.63 -15.63 -26.33
CA GLU A 164 6.86 -15.93 -27.05
C GLU A 164 6.95 -15.09 -28.30
N GLY A 165 8.06 -14.37 -28.44
CA GLY A 165 8.27 -13.54 -29.61
C GLY A 165 7.71 -12.13 -29.55
N VAL A 166 6.84 -11.81 -28.58
CA VAL A 166 6.26 -10.46 -28.62
C VAL A 166 7.20 -9.36 -28.16
N GLY A 167 7.96 -9.60 -27.10
CA GLY A 167 8.97 -8.62 -26.69
C GLY A 167 9.98 -8.33 -27.81
N ALA A 168 10.42 -9.40 -28.48
CA ALA A 168 11.35 -9.27 -29.62
C ALA A 168 10.71 -8.41 -30.72
N LEU A 169 9.45 -8.70 -31.05
CA LEU A 169 8.71 -7.89 -32.03
C LEU A 169 8.60 -6.43 -31.61
N CYS A 170 8.23 -6.19 -30.35
CA CYS A 170 8.17 -4.83 -29.81
C CYS A 170 9.48 -4.09 -29.99
N HIS A 171 10.58 -4.74 -29.63
CA HIS A 171 11.89 -4.11 -29.69
C HIS A 171 12.32 -3.82 -31.12
N GLN A 172 11.86 -4.64 -32.07
CA GLN A 172 12.09 -4.38 -33.51
C GLN A 172 11.42 -3.07 -33.91
N HIS A 173 10.43 -2.65 -33.13
CA HIS A 173 9.65 -1.46 -33.44
C HIS A 173 9.73 -0.36 -32.38
N ASN A 174 10.85 -0.35 -31.64
CA ASN A 174 11.14 0.70 -30.66
C ASN A 174 10.04 0.83 -29.62
N CYS A 175 9.55 -0.31 -29.17
CA CYS A 175 8.44 -0.38 -28.20
C CYS A 175 8.84 -1.21 -26.96
N LEU A 176 8.46 -0.74 -25.77
CA LEU A 176 8.65 -1.48 -24.52
C LEU A 176 7.46 -2.41 -24.27
N LEU A 177 7.69 -3.54 -23.63
CA LEU A 177 6.62 -4.50 -23.29
C LEU A 177 6.42 -4.60 -21.79
N ILE A 178 5.20 -4.30 -21.33
CA ILE A 178 4.84 -4.40 -19.92
C ILE A 178 3.88 -5.56 -19.82
N VAL A 179 4.11 -6.43 -18.84
CA VAL A 179 3.25 -7.61 -18.66
C VAL A 179 2.76 -7.72 -17.23
N ASP A 180 1.44 -7.84 -17.08
CA ASP A 180 0.82 -8.16 -15.79
C ASP A 180 0.83 -9.69 -15.58
N THR A 181 1.44 -10.15 -14.48
CA THR A 181 1.46 -11.59 -14.15
C THR A 181 0.82 -11.87 -12.77
N VAL A 182 -0.09 -11.00 -12.35
CA VAL A 182 -0.67 -11.09 -11.01
C VAL A 182 -1.38 -12.45 -10.83
N ALA A 183 -2.17 -12.85 -11.82
CA ALA A 183 -2.91 -14.10 -11.75
C ALA A 183 -2.18 -15.32 -12.29
N SER A 184 -1.14 -15.10 -13.09
CA SER A 184 -0.54 -16.21 -13.85
C SER A 184 0.77 -16.71 -13.23
N LEU A 185 1.50 -15.83 -12.55
CA LEU A 185 2.82 -16.25 -12.09
C LEU A 185 2.71 -17.45 -11.15
N GLY A 186 3.54 -18.47 -11.39
CA GLY A 186 3.48 -19.71 -10.61
C GLY A 186 2.47 -20.72 -11.14
N GLY A 187 1.57 -20.27 -12.03
CA GLY A 187 0.54 -21.12 -12.64
C GLY A 187 0.68 -21.32 -14.13
N ALA A 188 1.71 -20.70 -14.69
CA ALA A 188 1.97 -20.73 -16.14
C ALA A 188 3.45 -20.38 -16.31
N PRO A 189 4.09 -20.93 -17.34
CA PRO A 189 5.50 -20.58 -17.58
C PRO A 189 5.69 -19.08 -17.74
N MET A 190 6.78 -18.57 -17.17
CA MET A 190 7.18 -17.17 -17.37
C MET A 190 8.69 -17.09 -17.30
N PHE A 191 9.28 -16.45 -18.32
CA PHE A 191 10.74 -16.24 -18.36
C PHE A 191 10.92 -14.81 -18.82
N MET A 192 11.00 -13.90 -17.85
CA MET A 192 10.99 -12.47 -18.17
C MET A 192 12.09 -12.06 -19.15
N ASP A 193 13.32 -12.45 -18.84
CA ASP A 193 14.46 -12.04 -19.67
C ASP A 193 14.46 -12.76 -21.02
N ARG A 194 14.24 -14.06 -21.00
CA ARG A 194 14.22 -14.87 -22.22
C ARG A 194 13.17 -14.37 -23.20
N TRP A 195 12.02 -13.95 -22.66
CA TRP A 195 10.94 -13.41 -23.48
C TRP A 195 11.00 -11.90 -23.76
N GLU A 196 12.10 -11.24 -23.34
CA GLU A 196 12.35 -9.82 -23.66
C GLU A 196 11.23 -8.91 -23.15
N ILE A 197 10.76 -9.20 -21.93
CA ILE A 197 9.76 -8.36 -21.27
C ILE A 197 10.47 -7.21 -20.53
N ASP A 198 9.96 -5.98 -20.65
CA ASP A 198 10.63 -4.81 -20.04
C ASP A 198 10.14 -4.38 -18.66
N ALA A 199 8.89 -4.68 -18.36
CA ALA A 199 8.37 -4.35 -17.03
C ALA A 199 7.34 -5.39 -16.66
N MET A 200 7.36 -5.86 -15.41
CA MET A 200 6.48 -6.95 -15.04
C MET A 200 6.20 -6.87 -13.55
N TYR A 201 5.00 -7.25 -13.17
CA TYR A 201 4.67 -7.27 -11.76
C TYR A 201 3.78 -8.47 -11.50
N THR A 202 3.72 -8.91 -10.24
CA THR A 202 2.79 -9.97 -9.84
C THR A 202 2.12 -9.54 -8.55
N GLY A 203 1.21 -10.37 -8.04
CA GLY A 203 0.50 -10.06 -6.80
C GLY A 203 1.00 -10.95 -5.68
N SER A 204 0.77 -10.52 -4.45
CA SER A 204 1.19 -11.31 -3.31
C SER A 204 0.15 -12.38 -2.95
N GLN A 205 -1.12 -12.12 -3.29
CA GLN A 205 -2.24 -12.90 -2.70
C GLN A 205 -2.84 -13.99 -3.57
N1 LLP A 206 -4.20 -7.97 -12.39
C2 LLP A 206 -4.71 -9.26 -12.41
C2' LLP A 206 -4.53 -10.05 -13.68
C3 LLP A 206 -5.36 -9.77 -11.28
O3 LLP A 206 -5.82 -10.94 -11.30
C4 LLP A 206 -5.49 -8.95 -10.13
C4' LLP A 206 -6.16 -9.54 -8.91
C5 LLP A 206 -4.96 -7.64 -10.16
C6 LLP A 206 -4.32 -7.17 -11.29
C5' LLP A 206 -5.07 -6.62 -9.05
OP4 LLP A 206 -4.64 -6.93 -7.73
P LLP A 206 -5.19 -6.17 -6.45
OP1 LLP A 206 -6.63 -6.57 -6.38
OP2 LLP A 206 -4.31 -6.81 -5.45
OP3 LLP A 206 -5.01 -4.72 -6.64
N LLP A 206 -2.22 -14.21 -4.73
CA LLP A 206 -2.77 -15.17 -5.68
CB LLP A 206 -2.89 -14.55 -7.09
CG LLP A 206 -3.85 -13.32 -6.94
CD LLP A 206 -4.69 -12.89 -8.10
CE LLP A 206 -5.50 -11.60 -7.69
NZ LLP A 206 -5.93 -10.87 -8.94
C LLP A 206 -2.04 -16.51 -5.54
O LLP A 206 -2.18 -17.14 -4.50
N VAL A 207 -1.25 -16.94 -6.52
CA VAL A 207 -0.54 -18.19 -6.35
C VAL A 207 0.33 -18.22 -5.08
N LEU A 208 0.97 -17.09 -4.74
CA LEU A 208 1.87 -17.08 -3.58
C LEU A 208 1.16 -17.29 -2.25
N GLY A 209 -0.09 -16.84 -2.12
CA GLY A 209 -0.81 -16.99 -0.85
C GLY A 209 -0.26 -16.13 0.27
N ALA A 210 0.48 -15.07 -0.06
CA ALA A 210 0.80 -14.09 0.97
C ALA A 210 -0.40 -13.16 1.20
N PRO A 211 -0.35 -12.29 2.24
CA PRO A 211 -1.40 -11.32 2.40
C PRO A 211 -1.44 -10.40 1.16
N PRO A 212 -2.62 -9.86 0.80
CA PRO A 212 -2.63 -8.81 -0.21
C PRO A 212 -1.84 -7.59 0.29
N GLY A 213 -1.41 -6.75 -0.65
CA GLY A 213 -0.91 -5.42 -0.29
C GLY A 213 0.55 -5.08 -0.53
N ILE A 214 1.33 -6.02 -1.06
CA ILE A 214 2.74 -5.71 -1.49
C ILE A 214 2.99 -6.36 -2.83
N THR A 215 3.58 -5.64 -3.78
CA THR A 215 3.62 -6.20 -5.12
C THR A 215 5.00 -6.20 -5.77
N PRO A 216 5.52 -7.40 -6.02
CA PRO A 216 6.79 -7.54 -6.72
C PRO A 216 6.77 -6.94 -8.12
N VAL A 217 7.82 -6.19 -8.44
CA VAL A 217 7.93 -5.55 -9.75
C VAL A 217 9.36 -5.62 -10.27
N SER A 218 9.51 -5.62 -11.60
CA SER A 218 10.87 -5.62 -12.18
C SER A 218 10.89 -4.84 -13.48
N PHE A 219 12.02 -4.17 -13.75
CA PHE A 219 12.20 -3.36 -14.95
C PHE A 219 13.51 -3.74 -15.60
N SER A 220 13.48 -3.91 -16.92
CA SER A 220 14.68 -4.26 -17.69
C SER A 220 15.59 -3.03 -17.86
N HIS A 221 16.80 -3.27 -18.36
CA HIS A 221 17.70 -2.16 -18.75
C HIS A 221 17.04 -1.17 -19.71
N ARG A 222 16.30 -1.69 -20.68
CA ARG A 222 15.60 -0.86 -21.67
C ARG A 222 14.59 0.07 -20.99
N ALA A 223 13.82 -0.50 -20.05
CA ALA A 223 12.89 0.29 -19.24
C ALA A 223 13.59 1.35 -18.39
N VAL A 224 14.71 0.97 -17.76
CA VAL A 224 15.47 1.93 -16.94
C VAL A 224 15.97 3.07 -17.83
N GLU A 225 16.43 2.71 -19.01
CA GLU A 225 16.85 3.69 -20.01
C GLU A 225 15.71 4.64 -20.42
N ARG A 226 14.51 4.10 -20.63
CA ARG A 226 13.33 4.94 -20.89
C ARG A 226 13.13 5.89 -19.73
N TYR A 227 13.18 5.39 -18.50
CA TYR A 227 13.05 6.25 -17.33
C TYR A 227 14.07 7.39 -17.33
N LYS A 228 15.33 7.05 -17.57
CA LYS A 228 16.40 8.06 -17.58
C LYS A 228 16.23 9.12 -18.65
N ARG A 229 15.54 8.80 -19.75
CA ARG A 229 15.32 9.84 -20.76
C ARG A 229 14.07 10.69 -20.61
N ARG A 230 13.35 10.53 -19.51
CA ARG A 230 12.20 11.39 -19.22
C ARG A 230 12.63 12.85 -19.12
N ASN A 231 11.75 13.76 -19.56
CA ASN A 231 11.99 15.20 -19.38
C ASN A 231 11.04 15.80 -18.34
N THR A 232 10.21 14.94 -17.73
CA THR A 232 9.27 15.32 -16.68
C THR A 232 9.41 14.35 -15.53
N LYS A 233 9.22 14.86 -14.31
CA LYS A 233 9.22 14.03 -13.10
C LYS A 233 8.03 13.08 -13.18
N VAL A 234 8.20 11.86 -12.68
CA VAL A 234 7.06 10.95 -12.58
C VAL A 234 6.04 11.58 -11.63
N LYS A 235 4.76 11.37 -11.92
CA LYS A 235 3.72 12.16 -11.28
C LYS A 235 3.53 11.78 -9.82
N VAL A 236 3.97 10.58 -9.44
CA VAL A 236 3.80 10.16 -8.05
C VAL A 236 5.07 9.66 -7.38
N TYR A 237 5.53 10.46 -6.42
CA TYR A 237 6.68 10.16 -5.60
C TYR A 237 6.62 8.72 -5.05
N TYR A 238 5.42 8.32 -4.59
CA TYR A 238 5.22 7.01 -4.00
C TYR A 238 5.59 5.83 -4.93
N TRP A 239 5.50 6.04 -6.24
CA TRP A 239 5.76 4.99 -7.28
C TRP A 239 7.08 5.21 -8.04
N ASP A 240 7.83 6.27 -7.71
CA ASP A 240 8.99 6.65 -8.55
C ASP A 240 10.07 5.57 -8.51
N MET A 241 10.38 4.97 -9.68
CA MET A 241 11.23 3.77 -9.74
C MET A 241 12.61 4.01 -9.17
N SER A 242 13.13 5.20 -9.41
CA SER A 242 14.46 5.54 -8.95
C SER A 242 14.52 5.61 -7.44
N LEU A 243 13.49 6.22 -6.84
CA LEU A 243 13.45 6.39 -5.39
C LEU A 243 13.11 5.08 -4.66
N VAL A 244 12.13 4.35 -5.17
CA VAL A 244 11.82 3.05 -4.55
C VAL A 244 12.99 2.07 -4.77
N GLY A 245 13.57 2.10 -5.97
CA GLY A 245 14.75 1.30 -6.28
C GLY A 245 15.90 1.61 -5.34
N ASP A 246 16.11 2.88 -5.00
CA ASP A 246 17.19 3.26 -4.06
C ASP A 246 16.93 2.72 -2.66
N TYR A 247 15.68 2.81 -2.22
CA TYR A 247 15.32 2.23 -0.93
C TYR A 247 15.58 0.71 -0.93
N TRP A 248 15.29 0.07 -2.06
CA TRP A 248 15.49 -1.39 -2.18
C TRP A 248 16.91 -1.80 -2.59
N GLY A 249 17.84 -0.86 -2.65
CA GLY A 249 19.26 -1.19 -2.89
C GLY A 249 19.59 -1.62 -4.31
N CYS A 250 18.94 -1.02 -5.31
CA CYS A 250 19.05 -1.49 -6.69
C CYS A 250 20.13 -0.84 -7.56
N PHE A 251 20.53 0.38 -7.23
CA PHE A 251 21.22 1.25 -8.19
C PHE A 251 22.59 1.74 -7.71
N GLY A 252 23.09 1.13 -6.64
CA GLY A 252 24.42 1.46 -6.10
C GLY A 252 24.49 2.75 -5.30
N ARG A 253 23.35 3.39 -5.08
CA ARG A 253 23.28 4.61 -4.26
C ARG A 253 23.03 4.29 -2.79
N PRO A 254 23.23 5.27 -1.89
CA PRO A 254 22.89 5.02 -0.48
C PRO A 254 21.40 4.73 -0.33
N ARG A 255 21.08 3.87 0.62
CA ARG A 255 19.69 3.63 0.97
C ARG A 255 19.26 4.86 1.71
N ILE A 256 18.11 5.41 1.38
CA ILE A 256 17.60 6.47 2.22
C ILE A 256 16.09 6.31 2.49
N TYR A 257 15.55 7.25 3.23
CA TYR A 257 14.14 7.17 3.59
C TYR A 257 13.30 7.50 2.36
N HIS A 258 12.43 6.57 1.99
CA HIS A 258 11.43 6.87 0.97
C HIS A 258 10.02 6.81 1.60
N HIS A 259 9.72 5.69 2.23
CA HIS A 259 8.48 5.53 3.01
C HIS A 259 8.71 4.36 3.99
N THR A 260 7.85 4.25 5.00
CA THR A 260 7.94 3.17 5.96
C THR A 260 7.35 1.88 5.37
N ILE A 261 8.18 0.90 5.02
CA ILE A 261 7.64 -0.39 4.54
C ILE A 261 6.90 -1.09 5.66
N SER A 262 5.91 -1.89 5.26
CA SER A 262 5.18 -2.69 6.22
C SER A 262 5.95 -3.96 6.60
N SER A 263 6.58 -3.96 7.78
CA SER A 263 7.27 -5.17 8.32
C SER A 263 6.42 -6.40 8.10
N THR A 264 5.17 -6.28 8.52
CA THR A 264 4.23 -7.40 8.58
C THR A 264 4.05 -8.01 7.21
N LEU A 265 3.81 -7.18 6.19
CA LEU A 265 3.66 -7.70 4.83
C LEU A 265 4.95 -8.26 4.26
N LEU A 266 6.08 -7.64 4.61
CA LEU A 266 7.39 -8.25 4.25
C LEU A 266 7.52 -9.66 4.78
N TYR A 267 7.19 -9.86 6.05
CA TYR A 267 7.36 -11.18 6.67
C TYR A 267 6.49 -12.19 5.92
N GLY A 268 5.22 -11.86 5.72
CA GLY A 268 4.32 -12.79 5.04
C GLY A 268 4.80 -13.09 3.61
N LEU A 269 5.20 -12.04 2.89
CA LEU A 269 5.65 -12.21 1.52
C LEU A 269 6.93 -13.02 1.46
N ARG A 270 7.87 -12.71 2.35
CA ARG A 270 9.13 -13.44 2.42
C ARG A 270 8.89 -14.94 2.59
N GLU A 271 8.03 -15.29 3.52
CA GLU A 271 7.72 -16.71 3.77
C GLU A 271 7.00 -17.36 2.59
N ALA A 272 6.07 -16.64 1.96
CA ALA A 272 5.35 -17.17 0.81
C ALA A 272 6.34 -17.42 -0.35
N ILE A 273 7.23 -16.46 -0.58
CA ILE A 273 8.22 -16.59 -1.64
C ILE A 273 9.20 -17.72 -1.34
N ALA A 274 9.62 -17.83 -0.07
CA ALA A 274 10.51 -18.92 0.35
C ALA A 274 9.88 -20.29 0.03
N MET A 275 8.60 -20.43 0.37
CA MET A 275 7.88 -21.67 0.09
C MET A 275 7.79 -22.02 -1.40
N ALA A 276 7.52 -21.00 -2.23
CA ALA A 276 7.40 -21.17 -3.66
C ALA A 276 8.75 -21.55 -4.29
N CYS A 277 9.81 -20.88 -3.84
CA CYS A 277 11.16 -21.20 -4.28
C CYS A 277 11.59 -22.63 -3.90
N GLU A 278 11.25 -23.04 -2.67
CA GLU A 278 11.46 -24.42 -2.20
C GLU A 278 10.82 -25.45 -3.14
N GLU A 279 9.55 -25.22 -3.49
CA GLU A 279 8.87 -26.12 -4.41
C GLU A 279 9.53 -26.11 -5.78
N GLY A 280 9.92 -24.92 -6.25
CA GLY A 280 10.50 -24.77 -7.56
C GLY A 280 9.44 -24.55 -8.62
N LEU A 281 9.76 -23.71 -9.59
CA LEU A 281 8.82 -23.39 -10.68
C LEU A 281 8.32 -24.63 -11.44
N PRO A 282 9.22 -25.57 -11.80
CA PRO A 282 8.67 -26.71 -12.56
C PRO A 282 7.50 -27.41 -11.85
N ALA A 283 7.68 -27.76 -10.59
CA ALA A 283 6.66 -28.50 -9.85
C ALA A 283 5.48 -27.58 -9.52
N LEU A 284 5.79 -26.33 -9.20
CA LEU A 284 4.75 -25.36 -8.82
C LEU A 284 3.79 -25.15 -9.99
N ILE A 285 4.32 -24.87 -11.16
CA ILE A 285 3.43 -24.60 -12.27
C ILE A 285 2.72 -25.89 -12.75
N ALA A 286 3.42 -27.03 -12.74
CA ALA A 286 2.80 -28.32 -13.09
C ALA A 286 1.62 -28.67 -12.17
N ARG A 287 1.78 -28.36 -10.88
CA ARG A 287 0.72 -28.61 -9.90
C ARG A 287 -0.55 -27.81 -10.25
N HIS A 288 -0.39 -26.54 -10.58
CA HIS A 288 -1.52 -25.71 -10.94
C HIS A 288 -2.17 -26.20 -12.24
N GLU A 289 -1.33 -26.52 -13.23
CA GLU A 289 -1.85 -27.04 -14.50
C GLU A 289 -2.58 -28.37 -14.34
N ASP A 290 -2.03 -29.25 -13.50
CA ASP A 290 -2.63 -30.56 -13.28
C ASP A 290 -3.96 -30.43 -12.53
N CYS A 291 -3.99 -29.54 -11.54
CA CYS A 291 -5.25 -29.29 -10.79
C CYS A 291 -6.33 -28.73 -11.71
N ALA A 292 -5.94 -27.85 -12.62
CA ALA A 292 -6.90 -27.25 -13.56
C ALA A 292 -7.45 -28.31 -14.51
N LYS A 293 -6.59 -29.21 -15.00
CA LYS A 293 -7.03 -30.35 -15.81
C LYS A 293 -8.07 -31.21 -15.08
N ARG A 294 -7.83 -31.46 -13.79
CA ARG A 294 -8.77 -32.23 -12.96
C ARG A 294 -10.10 -31.50 -12.85
N LEU A 295 -10.02 -30.20 -12.62
CA LEU A 295 -11.21 -29.37 -12.50
C LEU A 295 -12.01 -29.40 -13.82
N TYR A 296 -11.33 -29.26 -14.95
CA TYR A 296 -12.03 -29.26 -16.25
C TYR A 296 -12.78 -30.58 -16.48
N ARG A 297 -12.14 -31.70 -16.11
CA ARG A 297 -12.76 -33.02 -16.31
C ARG A 297 -14.03 -33.09 -15.47
N GLY A 298 -13.93 -32.64 -14.22
CA GLY A 298 -15.04 -32.68 -13.28
C GLY A 298 -16.18 -31.80 -13.74
N LEU A 299 -15.84 -30.59 -14.18
CA LEU A 299 -16.87 -29.63 -14.64
C LEU A 299 -17.57 -30.12 -15.91
N GLN A 300 -16.77 -30.62 -16.85
CA GLN A 300 -17.32 -31.02 -18.14
C GLN A 300 -18.13 -32.32 -18.05
N ASP A 301 -17.70 -33.24 -17.20
CA ASP A 301 -18.47 -34.46 -16.92
C ASP A 301 -19.83 -34.13 -16.31
N ALA A 302 -19.88 -33.01 -15.58
CA ALA A 302 -21.12 -32.57 -14.91
C ALA A 302 -22.00 -31.72 -15.84
N GLY A 303 -21.56 -31.52 -17.07
CA GLY A 303 -22.33 -30.79 -18.10
C GLY A 303 -22.15 -29.28 -18.15
N PHE A 304 -21.18 -28.75 -17.38
CA PHE A 304 -20.89 -27.31 -17.42
C PHE A 304 -20.08 -26.94 -18.65
N GLU A 305 -20.22 -25.69 -19.08
CA GLU A 305 -19.54 -25.19 -20.26
C GLU A 305 -18.49 -24.17 -19.90
N LEU A 306 -17.25 -24.40 -20.32
CA LEU A 306 -16.15 -23.49 -20.00
C LEU A 306 -16.15 -22.28 -20.94
N TYR A 307 -15.80 -21.12 -20.41
CA TYR A 307 -15.88 -19.86 -21.15
C TYR A 307 -14.71 -19.65 -22.12
N ALA A 308 -13.49 -19.95 -21.66
CA ALA A 308 -12.31 -19.69 -22.45
C ALA A 308 -12.08 -20.80 -23.48
N ASP A 309 -11.59 -20.39 -24.64
CA ASP A 309 -11.15 -21.30 -25.68
C ASP A 309 -10.19 -22.34 -25.07
N PRO A 310 -10.40 -23.63 -25.39
CA PRO A 310 -9.51 -24.68 -24.86
C PRO A 310 -8.01 -24.40 -25.03
N LYS A 311 -7.62 -23.69 -26.08
CA LYS A 311 -6.20 -23.45 -26.35
C LYS A 311 -5.62 -22.31 -25.51
N ASP A 312 -6.51 -21.58 -24.83
CA ASP A 312 -6.13 -20.33 -24.16
C ASP A 312 -6.41 -20.30 -22.65
N ARG A 313 -6.64 -21.46 -22.03
CA ARG A 313 -7.03 -21.45 -20.61
C ARG A 313 -5.86 -21.13 -19.66
N LEU A 314 -6.17 -20.31 -18.67
CA LEU A 314 -5.31 -19.96 -17.55
C LEU A 314 -5.59 -20.93 -16.38
N SER A 315 -4.56 -21.65 -15.92
CA SER A 315 -4.76 -22.68 -14.90
C SER A 315 -5.40 -22.15 -13.60
N THR A 316 -5.02 -20.93 -13.21
CA THR A 316 -5.32 -20.43 -11.87
C THR A 316 -6.74 -19.84 -11.74
N VAL A 317 -7.34 -19.45 -12.87
CA VAL A 317 -8.72 -18.91 -12.85
C VAL A 317 -9.53 -19.52 -13.97
N THR A 318 -10.55 -20.29 -13.60
CA THR A 318 -11.36 -21.01 -14.58
C THR A 318 -12.73 -20.35 -14.67
N THR A 319 -13.04 -19.83 -15.85
CA THR A 319 -14.32 -19.18 -16.11
C THR A 319 -15.31 -20.23 -16.62
N ILE A 320 -16.45 -20.30 -15.95
CA ILE A 320 -17.47 -21.25 -16.34
C ILE A 320 -18.81 -20.53 -16.66
N LYS A 321 -19.38 -20.80 -17.84
CA LYS A 321 -20.65 -20.15 -18.22
C LYS A 321 -21.74 -20.44 -17.19
N VAL A 322 -22.47 -19.41 -16.77
CA VAL A 322 -23.61 -19.58 -15.86
C VAL A 322 -24.75 -20.27 -16.61
N PRO A 323 -25.17 -21.45 -16.14
CA PRO A 323 -26.22 -22.14 -16.89
C PRO A 323 -27.51 -21.34 -16.96
N GLN A 324 -28.24 -21.57 -18.03
CA GLN A 324 -29.60 -21.07 -18.18
C GLN A 324 -30.41 -21.31 -16.91
N GLY A 325 -31.01 -20.23 -16.39
CA GLY A 325 -31.88 -20.34 -15.22
C GLY A 325 -31.21 -20.36 -13.85
N VAL A 326 -29.88 -20.21 -13.80
CA VAL A 326 -29.22 -20.12 -12.50
C VAL A 326 -28.82 -18.71 -12.09
N ASP A 327 -29.17 -18.35 -10.86
CA ASP A 327 -28.85 -17.07 -10.28
C ASP A 327 -27.49 -17.26 -9.62
N TRP A 328 -26.45 -16.72 -10.27
CA TRP A 328 -25.08 -16.99 -9.83
C TRP A 328 -24.83 -16.49 -8.42
N LEU A 329 -25.41 -15.34 -8.05
CA LEU A 329 -25.19 -14.74 -6.74
C LEU A 329 -25.81 -15.65 -5.69
N LYS A 330 -26.99 -16.18 -5.99
CA LYS A 330 -27.68 -17.05 -5.05
C LYS A 330 -26.91 -18.34 -4.80
N ALA A 331 -26.35 -18.90 -5.89
CA ALA A 331 -25.49 -20.09 -5.79
C ALA A 331 -24.25 -19.81 -4.94
N ALA A 332 -23.59 -18.69 -5.22
CA ALA A 332 -22.45 -18.25 -4.41
C ALA A 332 -22.81 -18.14 -2.92
N GLN A 333 -23.95 -17.53 -2.63
CA GLN A 333 -24.41 -17.33 -1.26
C GLN A 333 -24.69 -18.67 -0.59
N TYR A 334 -25.32 -19.58 -1.33
CA TYR A 334 -25.61 -20.91 -0.83
C TYR A 334 -24.32 -21.63 -0.41
N ALA A 335 -23.28 -21.52 -1.24
CA ALA A 335 -22.03 -22.23 -0.98
C ALA A 335 -21.32 -21.64 0.24
N MET A 336 -21.40 -20.33 0.39
CA MET A 336 -20.81 -19.64 1.52
C MET A 336 -21.53 -19.94 2.84
N LYS A 337 -22.85 -19.91 2.81
CA LYS A 337 -23.61 -20.14 4.05
C LYS A 337 -23.53 -21.60 4.48
N THR A 338 -23.50 -22.50 3.50
CA THR A 338 -23.52 -23.91 3.83
C THR A 338 -22.16 -24.43 4.22
N TYR A 339 -21.10 -23.99 3.51
CA TYR A 339 -19.80 -24.65 3.61
C TYR A 339 -18.61 -23.73 3.93
N LEU A 340 -18.90 -22.42 3.99
CA LEU A 340 -17.85 -21.39 4.12
C LEU A 340 -16.86 -21.53 2.95
N VAL A 341 -17.36 -21.94 1.79
CA VAL A 341 -16.51 -21.91 0.61
C VAL A 341 -16.91 -20.83 -0.38
N GLU A 342 -15.89 -20.12 -0.85
CA GLU A 342 -16.06 -19.05 -1.82
C GLU A 342 -16.04 -19.54 -3.25
N ILE A 343 -17.11 -19.23 -3.98
CA ILE A 343 -17.09 -19.32 -5.43
C ILE A 343 -17.55 -17.95 -5.93
N SER A 344 -16.98 -17.49 -7.02
CA SER A 344 -17.18 -16.11 -7.42
C SER A 344 -17.94 -16.01 -8.72
N GLY A 345 -18.48 -14.82 -8.98
CA GLY A 345 -19.03 -14.50 -10.30
C GLY A 345 -17.97 -13.90 -11.19
N GLY A 346 -18.40 -13.08 -12.15
CA GLY A 346 -17.51 -12.54 -13.16
C GLY A 346 -16.90 -11.20 -12.80
N LEU A 347 -16.20 -10.60 -13.77
CA LEU A 347 -15.54 -9.31 -13.56
C LEU A 347 -15.55 -8.54 -14.88
N GLY A 348 -15.91 -7.26 -14.84
CA GLY A 348 -15.83 -6.43 -16.06
C GLY A 348 -16.69 -7.03 -17.17
N PRO A 349 -16.08 -7.40 -18.32
CA PRO A 349 -16.89 -7.92 -19.44
C PRO A 349 -17.61 -9.24 -19.16
N THR A 350 -17.13 -10.02 -18.18
CA THR A 350 -17.77 -11.29 -17.86
C THR A 350 -18.71 -11.16 -16.66
N ALA A 351 -18.96 -9.94 -16.19
CA ALA A 351 -19.83 -9.75 -15.04
C ALA A 351 -21.22 -10.29 -15.39
N GLY A 352 -21.77 -11.11 -14.51
CA GLY A 352 -23.08 -11.74 -14.71
C GLY A 352 -23.14 -12.86 -15.74
N GLN A 353 -21.98 -13.17 -16.35
CA GLN A 353 -21.91 -14.15 -17.43
C GLN A 353 -21.26 -15.45 -16.99
N VAL A 354 -20.41 -15.40 -15.97
CA VAL A 354 -19.61 -16.56 -15.61
C VAL A 354 -19.52 -16.74 -14.10
N PHE A 355 -19.19 -17.97 -13.68
CA PHE A 355 -18.57 -18.21 -12.37
C PHE A 355 -17.06 -18.26 -12.60
N ARG A 356 -16.30 -17.94 -11.54
CA ARG A 356 -14.83 -18.06 -11.59
C ARG A 356 -14.37 -18.91 -10.42
N ILE A 357 -13.67 -19.99 -10.73
CA ILE A 357 -13.07 -20.82 -9.69
C ILE A 357 -11.56 -20.65 -9.72
N GLY A 358 -10.98 -20.17 -8.62
CA GLY A 358 -9.52 -20.03 -8.55
C GLY A 358 -8.89 -21.30 -8.00
N LEU A 359 -7.78 -21.69 -8.61
CA LEU A 359 -6.95 -22.78 -8.10
C LEU A 359 -5.58 -22.19 -7.90
N MET A 360 -5.32 -21.72 -6.69
CA MET A 360 -4.12 -20.94 -6.41
C MET A 360 -3.45 -21.36 -5.10
N GLY A 361 -2.15 -21.63 -5.20
CA GLY A 361 -1.29 -21.84 -4.03
C GLY A 361 -1.74 -23.00 -3.17
N GLN A 362 -2.12 -22.70 -1.92
CA GLN A 362 -2.59 -23.73 -0.99
C GLN A 362 -3.83 -24.46 -1.50
N ASN A 363 -4.58 -23.84 -2.41
CA ASN A 363 -5.84 -24.42 -2.90
C ASN A 363 -5.74 -25.20 -4.21
N ALA A 364 -4.52 -25.27 -4.75
CA ALA A 364 -4.25 -26.05 -5.94
C ALA A 364 -3.77 -27.42 -5.49
N THR A 365 -4.71 -28.19 -4.94
CA THR A 365 -4.47 -29.55 -4.53
C THR A 365 -5.63 -30.39 -5.02
N THR A 366 -5.39 -31.68 -5.21
CA THR A 366 -6.45 -32.60 -5.64
C THR A 366 -7.66 -32.57 -4.67
N GLU A 367 -7.37 -32.53 -3.37
CA GLU A 367 -8.40 -32.49 -2.34
C GLU A 367 -9.31 -31.26 -2.45
N ARG A 368 -8.69 -30.10 -2.70
CA ARG A 368 -9.44 -28.88 -2.77
C ARG A 368 -10.14 -28.69 -4.11
N VAL A 369 -9.57 -29.26 -5.18
CA VAL A 369 -10.24 -29.34 -6.47
C VAL A 369 -11.52 -30.17 -6.27
N ASP A 370 -11.39 -31.31 -5.62
CA ASP A 370 -12.55 -32.18 -5.41
C ASP A 370 -13.59 -31.49 -4.53
N ARG A 371 -13.15 -30.76 -3.52
CA ARG A 371 -14.07 -30.06 -2.62
C ARG A 371 -14.85 -28.99 -3.39
N VAL A 372 -14.14 -28.15 -4.16
CA VAL A 372 -14.83 -27.09 -4.90
C VAL A 372 -15.79 -27.66 -5.95
N LEU A 373 -15.43 -28.77 -6.57
CA LEU A 373 -16.32 -29.44 -7.53
C LEU A 373 -17.61 -29.86 -6.83
N GLN A 374 -17.48 -30.46 -5.65
CA GLN A 374 -18.64 -30.95 -4.89
C GLN A 374 -19.53 -29.77 -4.52
N VAL A 375 -18.93 -28.74 -3.94
CA VAL A 375 -19.70 -27.59 -3.43
C VAL A 375 -20.33 -26.78 -4.57
N PHE A 376 -19.58 -26.58 -5.67
CA PHE A 376 -20.09 -25.86 -6.84
C PHE A 376 -21.32 -26.57 -7.44
N GLN A 377 -21.15 -27.85 -7.72
CA GLN A 377 -22.24 -28.69 -8.21
C GLN A 377 -23.48 -28.62 -7.30
N GLU A 378 -23.29 -28.71 -5.98
CA GLU A 378 -24.41 -28.65 -5.03
C GLU A 378 -25.09 -27.28 -5.04
N ALA A 379 -24.27 -26.22 -5.02
CA ALA A 379 -24.78 -24.86 -5.02
C ALA A 379 -25.60 -24.56 -6.26
N VAL A 380 -25.11 -24.96 -7.43
CA VAL A 380 -25.82 -24.72 -8.66
C VAL A 380 -27.10 -25.53 -8.68
N ALA A 381 -27.01 -26.79 -8.28
CA ALA A 381 -28.21 -27.66 -8.23
C ALA A 381 -29.26 -27.10 -7.27
N ALA A 382 -28.80 -26.48 -6.17
CA ALA A 382 -29.70 -25.89 -5.18
C ALA A 382 -30.59 -24.76 -5.72
N VAL A 383 -30.07 -23.95 -6.63
CA VAL A 383 -30.82 -22.77 -7.10
C VAL A 383 -31.47 -22.98 -8.47
N LYS A 384 -31.25 -24.16 -9.04
CA LYS A 384 -31.78 -24.48 -10.36
C LYS A 384 -33.01 -25.39 -10.24
N PRO A 385 -34.03 -25.17 -11.09
CA PRO A 385 -35.26 -25.99 -11.22
C PRO A 385 -35.07 -27.52 -11.34
N MET B 1 14.15 -28.05 -20.58
CA MET B 1 13.57 -26.84 -19.93
C MET B 1 14.50 -26.25 -18.85
N GLU B 2 15.20 -25.18 -19.20
CA GLU B 2 16.28 -24.63 -18.37
C GLU B 2 15.90 -23.33 -17.65
N TYR B 3 16.40 -23.19 -16.42
CA TYR B 3 16.09 -22.04 -15.58
C TYR B 3 17.38 -21.39 -15.15
N LYS B 4 17.75 -20.27 -15.80
CA LYS B 4 19.04 -19.60 -15.56
C LYS B 4 19.18 -19.04 -14.12
N VAL B 5 18.06 -18.66 -13.52
CA VAL B 5 18.06 -18.18 -12.14
C VAL B 5 17.64 -19.36 -11.28
N THR B 6 18.41 -19.61 -10.22
CA THR B 6 18.22 -20.77 -9.37
C THR B 6 17.53 -20.38 -8.06
N PRO B 7 16.90 -21.36 -7.38
CA PRO B 7 16.27 -21.04 -6.09
C PRO B 7 17.29 -20.48 -5.08
N PRO B 8 17.02 -19.28 -4.53
CA PRO B 8 18.00 -18.61 -3.66
C PRO B 8 18.32 -19.34 -2.34
N ALA B 9 19.61 -19.61 -2.08
CA ALA B 9 20.04 -20.23 -0.82
C ALA B 9 19.63 -19.41 0.40
N VAL B 10 19.66 -18.10 0.25
CA VAL B 10 19.30 -17.17 1.27
C VAL B 10 17.89 -17.47 1.86
N LEU B 11 16.97 -17.93 1.03
CA LEU B 11 15.60 -18.18 1.49
C LEU B 11 15.45 -19.52 2.23
N ARG B 12 16.51 -20.34 2.22
CA ARG B 12 16.51 -21.60 2.94
C ARG B 12 16.82 -21.35 4.43
N GLU B 13 17.31 -20.15 4.74
CA GLU B 13 17.59 -19.75 6.12
C GLU B 13 16.31 -19.28 6.81
N PRO B 14 16.24 -19.39 8.15
CA PRO B 14 15.06 -18.81 8.83
C PRO B 14 14.96 -17.29 8.67
N LEU B 15 13.71 -16.83 8.63
CA LEU B 15 13.39 -15.41 8.77
C LEU B 15 13.82 -14.96 10.16
N VAL B 16 14.60 -13.89 10.24
CA VAL B 16 15.00 -13.36 11.56
C VAL B 16 14.47 -11.94 11.82
N THR B 17 13.74 -11.79 12.91
CA THR B 17 13.14 -10.50 13.28
C THR B 17 13.39 -10.22 14.76
N PRO B 18 14.54 -9.62 15.09
CA PRO B 18 14.84 -9.36 16.50
C PRO B 18 13.80 -8.43 17.13
N ASN B 19 13.51 -8.65 18.42
CA ASN B 19 12.52 -7.87 19.12
C ASN B 19 13.20 -6.67 19.77
N LYS B 20 12.96 -5.49 19.21
CA LYS B 20 13.66 -4.27 19.58
C LYS B 20 12.71 -3.30 20.28
N LEU B 21 13.26 -2.37 21.08
CA LEU B 21 12.47 -1.27 21.63
C LEU B 21 12.63 -0.10 20.67
N LEU B 22 11.58 0.18 19.91
CA LEU B 22 11.66 1.16 18.82
C LEU B 22 11.35 2.56 19.32
N MET B 23 12.37 3.21 19.88
CA MET B 23 12.23 4.56 20.44
C MET B 23 12.63 5.66 19.48
N GLY B 24 12.64 5.35 18.18
CA GLY B 24 12.74 6.39 17.16
C GLY B 24 11.36 6.97 16.90
N PRO B 25 11.23 7.78 15.84
CA PRO B 25 9.93 8.41 15.57
C PRO B 25 8.96 7.54 14.76
N GLY B 26 9.22 6.24 14.71
CA GLY B 26 8.25 5.33 14.10
C GLY B 26 8.95 4.39 13.13
N PRO B 27 8.46 3.15 13.02
CA PRO B 27 7.24 2.63 13.70
C PRO B 27 7.43 2.42 15.20
N SER B 28 6.33 2.38 15.94
CA SER B 28 6.39 2.07 17.37
C SER B 28 6.04 0.60 17.63
N ASN B 29 6.38 0.10 18.82
CA ASN B 29 6.16 -1.31 19.14
C ASN B 29 4.66 -1.66 19.13
N ALA B 30 4.32 -2.72 18.39
CA ALA B 30 2.93 -3.13 18.27
C ALA B 30 2.46 -3.80 19.55
N PRO B 31 1.23 -3.47 20.00
CA PRO B 31 0.64 -4.22 21.11
C PRO B 31 0.55 -5.70 20.76
N GLN B 32 0.74 -6.58 21.75
CA GLN B 32 0.65 -8.02 21.47
C GLN B 32 -0.69 -8.36 20.82
N ARG B 33 -1.74 -7.67 21.23
CA ARG B 33 -3.09 -7.89 20.67
C ARG B 33 -3.14 -7.63 19.16
N VAL B 34 -2.43 -6.60 18.71
CA VAL B 34 -2.39 -6.36 17.26
C VAL B 34 -1.56 -7.38 16.52
N LEU B 35 -0.39 -7.76 17.06
CA LEU B 35 0.37 -8.85 16.43
C LEU B 35 -0.40 -10.18 16.36
N ASP B 36 -1.05 -10.56 17.46
CA ASP B 36 -1.86 -11.78 17.44
C ASP B 36 -2.91 -11.75 16.34
N ALA B 37 -3.56 -10.59 16.16
CA ALA B 37 -4.68 -10.46 15.20
C ALA B 37 -4.23 -10.67 13.77
N MET B 38 -2.94 -10.39 13.51
CA MET B 38 -2.45 -10.49 12.15
C MET B 38 -2.08 -11.92 11.72
N SER B 39 -2.32 -12.90 12.61
CA SER B 39 -2.22 -14.30 12.24
C SER B 39 -3.59 -14.87 11.85
N ARG B 40 -4.63 -14.04 11.89
CA ARG B 40 -5.99 -14.48 11.52
C ARG B 40 -6.05 -14.81 10.02
N PRO B 41 -6.98 -15.71 9.62
CA PRO B 41 -7.04 -16.11 8.22
C PRO B 41 -7.43 -14.94 7.32
N ILE B 42 -6.95 -15.00 6.08
CA ILE B 42 -7.26 -13.99 5.08
C ILE B 42 -8.76 -14.07 4.71
N LEU B 43 -9.35 -12.90 4.51
CA LEU B 43 -10.73 -12.80 4.03
C LEU B 43 -10.79 -12.14 2.65
N GLY B 44 -11.84 -12.44 1.90
CA GLY B 44 -12.05 -11.84 0.59
C GLY B 44 -12.26 -10.35 0.76
N HIS B 45 -11.76 -9.57 -0.20
CA HIS B 45 -11.84 -8.11 -0.12
C HIS B 45 -13.25 -7.52 -0.17
N LEU B 46 -14.24 -8.27 -0.67
CA LEU B 46 -15.63 -7.78 -0.72
C LEU B 46 -16.58 -8.62 0.15
N HIS B 47 -16.00 -9.49 0.99
CA HIS B 47 -16.82 -10.36 1.86
C HIS B 47 -17.47 -9.52 2.94
N PRO B 48 -18.68 -9.89 3.37
CA PRO B 48 -19.34 -9.08 4.40
C PRO B 48 -18.51 -8.86 5.66
N GLU B 49 -17.77 -9.89 6.09
CA GLU B 49 -16.98 -9.78 7.33
C GLU B 49 -15.88 -8.74 7.18
N THR B 50 -15.34 -8.64 5.96
CA THR B 50 -14.31 -7.64 5.63
C THR B 50 -14.92 -6.24 5.66
N LEU B 51 -16.08 -6.10 5.02
CA LEU B 51 -16.78 -4.82 4.98
C LEU B 51 -17.18 -4.37 6.38
N LYS B 52 -17.54 -5.33 7.24
CA LYS B 52 -17.83 -5.03 8.64
C LYS B 52 -16.63 -4.43 9.36
N ILE B 53 -15.46 -5.05 9.16
CA ILE B 53 -14.24 -4.55 9.78
C ILE B 53 -13.93 -3.15 9.26
N MET B 54 -14.03 -2.95 7.94
CA MET B 54 -13.89 -1.61 7.36
C MET B 54 -14.86 -0.61 7.97
N ASP B 55 -16.12 -1.01 8.12
CA ASP B 55 -17.12 -0.13 8.73
C ASP B 55 -16.75 0.30 10.15
N ASP B 56 -16.22 -0.65 10.93
CA ASP B 56 -15.89 -0.40 12.33
C ASP B 56 -14.66 0.48 12.39
N ILE B 57 -13.71 0.22 11.50
CA ILE B 57 -12.54 1.10 11.39
C ILE B 57 -12.99 2.55 11.10
N LYS B 58 -13.93 2.74 10.17
CA LYS B 58 -14.45 4.08 9.89
C LYS B 58 -14.99 4.79 11.14
N GLU B 59 -15.73 4.08 11.97
CA GLU B 59 -16.28 4.69 13.17
C GLU B 59 -15.14 5.10 14.11
N GLY B 60 -14.13 4.24 14.21
CA GLY B 60 -12.97 4.52 15.05
C GLY B 60 -12.17 5.71 14.54
N VAL B 61 -11.97 5.79 13.22
CA VAL B 61 -11.27 6.95 12.66
C VAL B 61 -12.05 8.24 12.92
N ARG B 62 -13.37 8.19 12.73
CA ARG B 62 -14.20 9.37 13.00
C ARG B 62 -14.04 9.84 14.46
N TYR B 63 -13.97 8.89 15.39
CA TYR B 63 -13.72 9.22 16.80
C TYR B 63 -12.36 9.91 16.98
N LEU B 64 -11.31 9.26 16.48
CA LEU B 64 -9.96 9.74 16.68
C LEU B 64 -9.74 11.11 16.02
N PHE B 65 -10.35 11.33 14.86
CA PHE B 65 -10.20 12.58 14.12
C PHE B 65 -11.14 13.67 14.65
N GLN B 66 -12.18 13.22 15.37
CA GLN B 66 -13.34 14.05 15.78
C GLN B 66 -14.01 14.68 14.55
N THR B 67 -14.47 13.81 13.66
CA THR B 67 -15.24 14.21 12.49
C THR B 67 -16.48 13.35 12.27
N ASN B 68 -17.49 13.96 11.67
CA ASN B 68 -18.63 13.22 11.16
C ASN B 68 -18.62 13.09 9.63
N ASN B 69 -17.47 13.35 9.00
CA ASN B 69 -17.38 13.31 7.54
C ASN B 69 -17.79 11.94 6.99
N ILE B 70 -18.77 11.94 6.09
CA ILE B 70 -19.11 10.70 5.38
C ILE B 70 -17.91 10.17 4.56
N ALA B 71 -17.10 11.08 3.97
CA ALA B 71 -15.93 10.66 3.19
C ALA B 71 -14.76 10.35 4.12
N THR B 72 -14.91 9.30 4.92
CA THR B 72 -13.85 8.85 5.84
C THR B 72 -13.56 7.41 5.53
N PHE B 73 -12.28 7.08 5.29
CA PHE B 73 -11.89 5.73 4.90
C PHE B 73 -10.40 5.52 5.15
N CYS B 74 -9.82 4.40 4.72
CA CYS B 74 -8.36 4.27 4.77
C CYS B 74 -7.82 4.00 3.37
N LEU B 75 -6.58 4.42 3.15
CA LEU B 75 -5.88 4.19 1.91
C LEU B 75 -4.95 3.00 2.07
N SER B 76 -4.88 2.17 1.04
CA SER B 76 -3.99 1.01 1.02
C SER B 76 -2.55 1.41 0.64
N ALA B 77 -1.91 2.12 1.54
CA ALA B 77 -0.59 2.75 1.30
C ALA B 77 -0.07 3.19 2.65
N SER B 78 1.25 3.39 2.76
CA SER B 78 1.84 3.99 3.95
C SER B 78 1.46 5.49 4.05
N GLY B 79 1.91 6.14 5.14
CA GLY B 79 1.53 7.55 5.43
C GLY B 79 1.74 8.53 4.27
N HIS B 80 2.80 8.33 3.49
CA HIS B 80 3.05 9.17 2.31
C HIS B 80 1.86 9.10 1.34
N GLY B 81 1.22 7.92 1.28
CA GLY B 81 -0.01 7.74 0.51
C GLY B 81 -1.18 8.66 0.86
N GLY B 82 -1.32 9.00 2.15
CA GLY B 82 -2.24 10.04 2.61
C GLY B 82 -1.91 11.39 2.00
N MET B 83 -0.62 11.76 2.04
CA MET B 83 -0.18 13.00 1.42
C MET B 83 -0.44 12.96 -0.08
N GLU B 84 -0.08 11.85 -0.73
CA GLU B 84 -0.35 11.69 -2.17
C GLU B 84 -1.83 11.88 -2.51
N ALA B 85 -2.71 11.20 -1.78
CA ALA B 85 -4.10 11.11 -2.18
C ALA B 85 -4.82 12.45 -2.00
N THR B 86 -4.47 13.10 -0.91
CA THR B 86 -5.09 14.35 -0.52
C THR B 86 -4.71 15.41 -1.60
N LEU B 87 -3.44 15.42 -2.03
CA LEU B 87 -2.98 16.32 -3.09
C LEU B 87 -3.49 15.95 -4.47
N CYS B 88 -3.50 14.65 -4.76
CA CYS B 88 -3.91 14.13 -6.06
C CYS B 88 -5.39 14.49 -6.31
N ASN B 89 -6.22 14.33 -5.29
CA ASN B 89 -7.67 14.53 -5.51
C ASN B 89 -8.04 16.00 -5.57
N LEU B 90 -7.31 16.83 -4.83
CA LEU B 90 -7.74 18.21 -4.61
C LEU B 90 -6.97 19.24 -5.46
N LEU B 91 -6.05 18.77 -6.31
CA LEU B 91 -5.29 19.67 -7.19
C LEU B 91 -5.48 19.30 -8.66
N GLU B 92 -5.64 20.34 -9.48
CA GLU B 92 -5.57 20.22 -10.94
C GLU B 92 -4.40 21.11 -11.43
N ASP B 93 -3.97 20.86 -12.67
CA ASP B 93 -2.81 21.58 -13.21
C ASP B 93 -2.97 23.08 -13.04
N GLY B 94 -1.95 23.73 -12.50
CA GLY B 94 -1.92 25.19 -12.37
C GLY B 94 -2.59 25.74 -11.12
N ASP B 95 -3.23 24.88 -10.33
CA ASP B 95 -3.83 25.32 -9.06
C ASP B 95 -2.75 25.81 -8.14
N VAL B 96 -3.02 26.88 -7.42
CA VAL B 96 -2.02 27.45 -6.54
C VAL B 96 -2.19 26.78 -5.18
N ILE B 97 -1.12 26.19 -4.64
CA ILE B 97 -1.16 25.65 -3.27
C ILE B 97 -0.08 26.32 -2.48
N LEU B 98 -0.43 26.63 -1.23
CA LEU B 98 0.53 27.16 -0.28
C LEU B 98 0.89 26.06 0.69
N ILE B 99 2.18 25.82 0.84
CA ILE B 99 2.70 24.84 1.79
C ILE B 99 3.22 25.62 3.00
N GLY B 100 2.67 25.29 4.17
CA GLY B 100 3.21 25.81 5.43
C GLY B 100 4.37 24.92 5.87
N HIS B 101 5.59 25.40 5.69
CA HIS B 101 6.78 24.58 5.93
C HIS B 101 7.28 24.74 7.37
N THR B 102 7.19 23.66 8.15
CA THR B 102 7.71 23.64 9.53
C THR B 102 8.76 22.54 9.69
N GLY B 103 9.29 22.06 8.56
CA GLY B 103 10.26 20.96 8.56
C GLY B 103 10.23 20.19 7.27
N HIS B 104 10.84 18.99 7.28
CA HIS B 104 10.90 18.13 6.11
C HIS B 104 9.55 17.95 5.40
N TRP B 105 8.46 17.86 6.17
CA TRP B 105 7.17 17.50 5.55
C TRP B 105 6.67 18.61 4.60
N GLY B 106 7.14 19.83 4.82
CA GLY B 106 6.93 20.92 3.86
C GLY B 106 7.64 20.67 2.55
N ASP B 107 8.86 20.15 2.60
CA ASP B 107 9.59 19.82 1.39
C ASP B 107 8.92 18.68 0.64
N ARG B 108 8.49 17.65 1.37
CA ARG B 108 7.89 16.45 0.71
C ARG B 108 6.54 16.82 0.06
N SER B 109 5.72 17.61 0.76
CA SER B 109 4.42 18.00 0.19
C SER B 109 4.61 18.92 -1.02
N ALA B 110 5.58 19.83 -0.95
CA ALA B 110 5.89 20.70 -2.09
C ALA B 110 6.29 19.87 -3.31
N ASP B 111 7.09 18.83 -3.07
CA ASP B 111 7.54 17.87 -4.09
C ASP B 111 6.33 17.21 -4.76
N MET B 112 5.44 16.61 -3.97
CA MET B 112 4.31 15.89 -4.54
C MET B 112 3.40 16.85 -5.30
N ALA B 113 3.14 18.02 -4.72
CA ALA B 113 2.28 18.98 -5.38
C ALA B 113 2.90 19.39 -6.73
N THR B 114 4.21 19.61 -6.79
CA THR B 114 4.77 19.94 -8.10
C THR B 114 4.67 18.79 -9.08
N ARG B 115 4.83 17.55 -8.59
CA ARG B 115 4.70 16.39 -9.47
C ARG B 115 3.29 16.28 -10.05
N TYR B 116 2.31 16.71 -9.26
CA TYR B 116 0.90 16.67 -9.68
C TYR B 116 0.53 17.86 -10.55
N GLY B 117 1.49 18.75 -10.83
CA GLY B 117 1.20 19.88 -11.74
C GLY B 117 0.74 21.19 -11.14
N ALA B 118 0.80 21.30 -9.82
CA ALA B 118 0.40 22.53 -9.13
C ALA B 118 1.43 23.65 -9.17
N ASP B 119 0.96 24.88 -8.94
CA ASP B 119 1.79 26.08 -8.80
C ASP B 119 2.07 26.20 -7.30
N VAL B 120 3.28 25.80 -6.92
CA VAL B 120 3.62 25.62 -5.51
C VAL B 120 4.22 26.87 -4.86
N ARG B 121 3.61 27.29 -3.75
CA ARG B 121 4.10 28.44 -2.99
C ARG B 121 4.43 27.94 -1.58
N VAL B 122 5.44 28.54 -0.95
CA VAL B 122 5.87 28.06 0.36
C VAL B 122 6.07 29.21 1.33
N VAL B 123 5.54 29.03 2.54
CA VAL B 123 5.83 29.95 3.65
C VAL B 123 6.58 29.15 4.73
N LYS B 124 7.75 29.64 5.10
CA LYS B 124 8.64 28.89 5.97
C LYS B 124 8.63 29.44 7.39
N SER B 125 8.52 28.55 8.37
CA SER B 125 8.54 28.93 9.77
C SER B 125 9.94 29.43 10.14
N LYS B 126 10.03 30.11 11.28
CA LYS B 126 11.31 30.35 11.91
C LYS B 126 11.91 29.02 12.37
N VAL B 127 13.24 28.94 12.47
CA VAL B 127 13.90 27.69 12.88
C VAL B 127 13.46 27.16 14.25
N GLY B 128 13.03 25.88 14.25
CA GLY B 128 12.53 25.20 15.45
C GLY B 128 11.19 25.71 15.97
N GLN B 129 10.49 26.50 15.15
CA GLN B 129 9.22 27.10 15.55
C GLN B 129 8.09 26.66 14.65
N SER B 130 6.87 26.82 15.15
CA SER B 130 5.70 26.69 14.30
C SER B 130 5.48 28.02 13.58
N LEU B 131 4.58 28.01 12.61
CA LEU B 131 4.13 29.22 11.94
C LEU B 131 3.08 29.92 12.80
N SER B 132 3.18 31.24 12.93
CA SER B 132 2.16 31.97 13.67
C SER B 132 0.93 32.14 12.79
N LEU B 133 -0.20 32.44 13.42
CA LEU B 133 -1.42 32.73 12.67
C LEU B 133 -1.19 33.92 11.73
N ASP B 134 -0.44 34.92 12.20
CA ASP B 134 -0.16 36.11 11.37
C ASP B 134 0.64 35.74 10.12
N GLU B 135 1.61 34.86 10.29
CA GLU B 135 2.46 34.42 9.17
C GLU B 135 1.63 33.67 8.13
N ILE B 136 0.70 32.86 8.61
CA ILE B 136 -0.21 32.09 7.74
C ILE B 136 -1.14 33.04 6.98
N ARG B 137 -1.76 33.96 7.74
CA ARG B 137 -2.66 34.97 7.16
C ARG B 137 -1.96 35.78 6.08
N ASP B 138 -0.77 36.30 6.40
CA ASP B 138 -0.02 37.10 5.44
C ASP B 138 0.25 36.35 4.16
N ALA B 139 0.66 35.09 4.27
CA ALA B 139 0.96 34.28 3.09
C ALA B 139 -0.29 33.94 2.27
N LEU B 140 -1.41 33.69 2.95
CA LEU B 140 -2.69 33.41 2.27
C LEU B 140 -3.10 34.60 1.41
N LEU B 141 -2.91 35.79 1.95
CA LEU B 141 -3.39 37.01 1.28
C LEU B 141 -2.59 37.30 0.01
N ILE B 142 -1.30 37.03 0.11
CA ILE B 142 -0.30 37.27 -0.92
C ILE B 142 -0.41 36.27 -2.07
N HIS B 143 -0.60 35.00 -1.72
CA HIS B 143 -0.60 33.93 -2.72
C HIS B 143 -1.97 33.59 -3.29
N LYS B 144 -3.01 33.89 -2.52
CA LYS B 144 -4.39 33.56 -2.88
C LYS B 144 -4.52 32.10 -3.36
N PRO B 145 -4.06 31.13 -2.54
CA PRO B 145 -4.10 29.73 -2.98
C PRO B 145 -5.50 29.10 -2.91
N SER B 146 -5.71 28.00 -3.63
CA SER B 146 -6.93 27.20 -3.51
C SER B 146 -6.80 26.08 -2.46
N VAL B 147 -5.55 25.74 -2.13
CA VAL B 147 -5.23 24.76 -1.07
C VAL B 147 -4.13 25.30 -0.16
N LEU B 148 -4.30 25.13 1.16
CA LEU B 148 -3.22 25.30 2.13
C LEU B 148 -2.91 23.95 2.75
N PHE B 149 -1.63 23.62 2.84
CA PHE B 149 -1.21 22.35 3.40
C PHE B 149 -0.36 22.62 4.63
N LEU B 150 -0.75 22.04 5.77
CA LEU B 150 0.04 22.14 7.00
C LEU B 150 0.32 20.77 7.60
N THR B 151 1.43 20.65 8.31
CA THR B 151 1.76 19.42 9.00
C THR B 151 1.59 19.69 10.49
N GLN B 152 0.64 19.01 11.13
CA GLN B 152 0.37 19.28 12.55
C GLN B 152 1.58 18.88 13.42
N GLY B 153 2.08 17.67 13.22
CA GLY B 153 3.29 17.24 13.91
C GLY B 153 4.41 17.00 12.92
N ASP B 154 5.35 17.93 12.83
CA ASP B 154 6.45 17.70 11.93
C ASP B 154 7.52 16.88 12.66
N SER B 155 7.67 15.63 12.24
CA SER B 155 8.55 14.70 12.95
C SER B 155 10.05 14.92 12.68
N SER B 156 10.39 15.76 11.69
CA SER B 156 11.80 16.08 11.43
C SER B 156 12.30 17.12 12.44
N THR B 157 11.42 18.01 12.87
CA THR B 157 11.83 19.12 13.74
C THR B 157 11.27 18.99 15.16
N GLY B 158 10.30 18.08 15.35
CA GLY B 158 9.66 17.89 16.66
C GLY B 158 8.76 19.07 16.98
N VAL B 159 8.14 19.63 15.94
CA VAL B 159 7.33 20.85 16.08
C VAL B 159 5.84 20.57 15.87
N LEU B 160 5.04 21.06 16.82
CA LEU B 160 3.58 21.01 16.78
C LEU B 160 3.05 22.32 16.25
N GLN B 161 2.32 22.26 15.14
CA GLN B 161 1.76 23.45 14.51
C GLN B 161 0.36 23.70 15.07
N GLY B 162 0.12 24.89 15.65
CA GLY B 162 -1.23 25.25 16.09
C GLY B 162 -2.15 25.48 14.90
N LEU B 163 -3.44 25.18 15.09
CA LEU B 163 -4.38 25.16 13.98
C LEU B 163 -5.68 25.96 14.20
N GLU B 164 -5.89 26.47 15.41
CA GLU B 164 -7.13 27.20 15.69
C GLU B 164 -7.24 28.43 14.81
N GLY B 165 -8.40 28.58 14.18
CA GLY B 165 -8.67 29.75 13.35
C GLY B 165 -8.22 29.61 11.91
N VAL B 166 -7.37 28.61 11.64
CA VAL B 166 -6.76 28.52 10.29
C VAL B 166 -7.75 28.09 9.22
N GLY B 167 -8.53 27.03 9.46
CA GLY B 167 -9.56 26.64 8.51
C GLY B 167 -10.61 27.73 8.26
N ALA B 168 -11.02 28.40 9.34
CA ALA B 168 -11.99 29.50 9.24
C ALA B 168 -11.46 30.57 8.28
N LEU B 169 -10.18 30.90 8.43
CA LEU B 169 -9.54 31.92 7.61
C LEU B 169 -9.43 31.46 6.16
N CYS B 170 -9.02 30.21 5.97
CA CYS B 170 -9.00 29.60 4.63
C CYS B 170 -10.36 29.74 3.97
N HIS B 171 -11.42 29.47 4.73
CA HIS B 171 -12.77 29.47 4.16
C HIS B 171 -13.30 30.87 3.86
N GLN B 172 -12.68 31.90 4.44
CA GLN B 172 -12.96 33.29 4.06
C GLN B 172 -12.36 33.62 2.69
N HIS B 173 -11.48 32.74 2.19
CA HIS B 173 -10.71 33.03 0.98
C HIS B 173 -10.72 31.90 -0.06
N ASN B 174 -11.83 31.14 -0.07
CA ASN B 174 -12.06 30.07 -1.04
C ASN B 174 -10.87 29.13 -1.12
N CYS B 175 -10.32 28.81 0.04
CA CYS B 175 -9.17 27.90 0.14
C CYS B 175 -9.54 26.67 0.97
N LEU B 176 -9.06 25.49 0.54
CA LEU B 176 -9.21 24.25 1.33
C LEU B 176 -8.02 24.08 2.26
N LEU B 177 -8.23 23.47 3.42
CA LEU B 177 -7.12 23.23 4.36
C LEU B 177 -6.84 21.72 4.48
N ILE B 178 -5.61 21.31 4.16
CA ILE B 178 -5.20 19.90 4.29
C ILE B 178 -4.18 19.79 5.43
N VAL B 179 -4.38 18.82 6.33
CA VAL B 179 -3.50 18.69 7.49
C VAL B 179 -2.99 17.26 7.63
N ASP B 180 -1.67 17.14 7.75
CA ASP B 180 -1.01 15.86 8.04
C ASP B 180 -0.96 15.69 9.54
N THR B 181 -1.53 14.59 10.04
CA THR B 181 -1.48 14.27 11.49
C THR B 181 -0.81 12.93 11.75
N VAL B 182 0.03 12.47 10.83
CA VAL B 182 0.67 11.18 10.99
C VAL B 182 1.40 11.05 12.32
N ALA B 183 2.21 12.06 12.68
CA ALA B 183 3.01 11.98 13.91
C ALA B 183 2.30 12.52 15.15
N SER B 184 1.23 13.30 14.93
CA SER B 184 0.61 14.07 16.02
C SER B 184 -0.67 13.45 16.57
N LEU B 185 -1.43 12.71 15.75
CA LEU B 185 -2.73 12.21 16.21
C LEU B 185 -2.52 11.30 17.42
N GLY B 186 -3.32 11.51 18.47
CA GLY B 186 -3.16 10.76 19.71
C GLY B 186 -2.18 11.37 20.70
N GLY B 187 -1.33 12.29 20.23
CA GLY B 187 -0.31 12.91 21.08
C GLY B 187 -0.50 14.40 21.25
N ALA B 188 -1.52 14.93 20.57
CA ALA B 188 -1.86 16.35 20.66
C ALA B 188 -3.34 16.50 20.33
N PRO B 189 -4.01 17.53 20.89
CA PRO B 189 -5.42 17.72 20.53
C PRO B 189 -5.63 17.86 19.01
N MET B 190 -6.74 17.28 18.52
CA MET B 190 -7.15 17.45 17.13
C MET B 190 -8.66 17.36 17.09
N PHE B 191 -9.29 18.37 16.49
CA PHE B 191 -10.74 18.40 16.30
C PHE B 191 -11.00 18.79 14.85
N MET B 192 -11.12 17.79 13.99
CA MET B 192 -11.11 18.03 12.55
C MET B 192 -12.23 18.97 12.14
N ASP B 193 -13.43 18.70 12.63
CA ASP B 193 -14.59 19.48 12.22
C ASP B 193 -14.60 20.84 12.88
N ARG B 194 -14.32 20.87 14.18
CA ARG B 194 -14.32 22.13 14.91
C ARG B 194 -13.29 23.12 14.36
N TRP B 195 -12.15 22.60 13.93
CA TRP B 195 -11.09 23.41 13.35
C TRP B 195 -11.22 23.64 11.83
N GLU B 196 -12.34 23.23 11.25
CA GLU B 196 -12.65 23.47 9.82
C GLU B 196 -11.55 22.95 8.88
N ILE B 197 -11.06 21.77 9.18
CA ILE B 197 -10.10 21.10 8.31
C ILE B 197 -10.82 20.34 7.20
N ASP B 198 -10.31 20.44 5.96
CA ASP B 198 -11.00 19.85 4.81
C ASP B 198 -10.52 18.48 4.38
N ALA B 199 -9.27 18.15 4.68
CA ALA B 199 -8.70 16.84 4.35
C ALA B 199 -7.63 16.57 5.39
N MET B 200 -7.61 15.34 5.91
CA MET B 200 -6.67 15.00 6.96
C MET B 200 -6.36 13.52 6.89
N TYR B 201 -5.14 13.16 7.26
CA TYR B 201 -4.76 11.74 7.30
C TYR B 201 -3.83 11.53 8.48
N THR B 202 -3.72 10.28 8.91
CA THR B 202 -2.77 9.91 9.95
C THR B 202 -2.07 8.62 9.53
N GLY B 203 -1.15 8.15 10.36
CA GLY B 203 -0.45 6.91 10.02
C GLY B 203 -0.87 5.79 10.96
N SER B 204 -0.64 4.55 10.54
CA SER B 204 -1.03 3.42 11.36
C SER B 204 0.04 3.10 12.41
N GLN B 205 1.30 3.43 12.10
CA GLN B 205 2.46 2.92 12.88
C GLN B 205 3.04 3.83 13.95
N1 LLP B 206 4.07 12.61 7.73
C2 LLP B 206 4.61 12.65 8.99
C2' LLP B 206 4.41 13.92 9.76
C3 LLP B 206 5.29 11.53 9.52
O3 LLP B 206 5.78 11.58 10.67
C4 LLP B 206 5.42 10.37 8.74
C4' LLP B 206 6.14 9.18 9.35
C5 LLP B 206 4.88 10.36 7.43
C6 LLP B 206 4.23 11.48 6.93
C5' LLP B 206 5.00 9.25 6.44
OP4 LLP B 206 4.55 7.94 6.75
P LLP B 206 5.16 6.66 6.03
OP1 LLP B 206 6.60 6.58 6.42
OP2 LLP B 206 4.31 5.66 6.70
OP3 LLP B 206 4.91 6.79 4.58
N LLP B 206 2.39 4.94 14.21
CA LLP B 206 2.97 5.90 15.13
CB LLP B 206 3.09 7.29 14.48
CG LLP B 206 4.02 7.14 13.23
CD LLP B 206 4.76 8.35 12.74
CE LLP B 206 5.57 7.97 11.45
NZ LLP B 206 6.00 9.21 10.70
C LLP B 206 2.25 5.75 16.45
O LLP B 206 2.44 4.72 17.10
N VAL B 207 1.41 6.70 16.85
CA VAL B 207 0.75 6.56 18.16
C VAL B 207 -0.10 5.29 18.23
N LEU B 208 -0.68 4.91 17.08
CA LEU B 208 -1.56 3.73 17.06
C LEU B 208 -0.86 2.43 17.31
N GLY B 209 0.39 2.29 16.82
CA GLY B 209 1.15 1.05 16.99
C GLY B 209 0.62 -0.12 16.17
N ALA B 210 -0.16 0.20 15.14
CA ALA B 210 -0.49 -0.80 14.15
C ALA B 210 0.69 -1.00 13.18
N PRO B 211 0.62 -2.05 12.35
CA PRO B 211 1.67 -2.21 11.34
C PRO B 211 1.66 -0.98 10.43
N PRO B 212 2.81 -0.58 9.88
CA PRO B 212 2.78 0.40 8.81
C PRO B 212 1.96 -0.12 7.61
N GLY B 213 1.49 0.80 6.77
CA GLY B 213 0.97 0.41 5.46
C GLY B 213 -0.51 0.58 5.15
N ILE B 214 -1.29 1.16 6.08
CA ILE B 214 -2.72 1.49 5.83
C ILE B 214 -2.95 2.82 6.48
N THR B 215 -3.56 3.76 5.77
CA THR B 215 -3.63 5.13 6.33
C THR B 215 -5.00 5.75 6.29
N PRO B 216 -5.53 6.02 7.50
CA PRO B 216 -6.82 6.69 7.65
C PRO B 216 -6.80 8.07 7.03
N VAL B 217 -7.89 8.40 6.35
CA VAL B 217 -8.02 9.69 5.68
C VAL B 217 -9.48 10.16 5.75
N SER B 218 -9.69 11.47 5.76
CA SER B 218 -11.04 12.02 5.79
C SER B 218 -11.10 13.29 4.97
N PHE B 219 -12.22 13.46 4.27
CA PHE B 219 -12.45 14.65 3.45
C PHE B 219 -13.77 15.33 3.84
N SER B 220 -13.77 16.66 3.92
CA SER B 220 -14.96 17.42 4.32
C SER B 220 -15.90 17.50 3.11
N HIS B 221 -17.13 17.96 3.36
CA HIS B 221 -18.06 18.27 2.27
C HIS B 221 -17.44 19.27 1.25
N ARG B 222 -16.73 20.30 1.75
CA ARG B 222 -16.07 21.29 0.86
C ARG B 222 -15.04 20.63 -0.06
N ALA B 223 -14.30 19.67 0.50
CA ALA B 223 -13.30 18.92 -0.28
C ALA B 223 -13.95 18.01 -1.31
N VAL B 224 -15.07 17.40 -0.94
CA VAL B 224 -15.82 16.57 -1.89
C VAL B 224 -16.38 17.45 -3.03
N GLU B 225 -16.85 18.65 -2.68
CA GLU B 225 -17.31 19.61 -3.69
C GLU B 225 -16.20 19.97 -4.66
N ARG B 226 -14.99 20.19 -4.14
CA ARG B 226 -13.84 20.48 -5.01
C ARG B 226 -13.60 19.32 -5.97
N TYR B 227 -13.63 18.10 -5.46
CA TYR B 227 -13.48 16.92 -6.31
C TYR B 227 -14.55 16.92 -7.41
N LYS B 228 -15.79 17.21 -7.03
CA LYS B 228 -16.89 17.21 -8.01
C LYS B 228 -16.73 18.29 -9.11
N ARG B 229 -16.00 19.36 -8.83
CA ARG B 229 -15.85 20.44 -9.81
C ARG B 229 -14.63 20.25 -10.71
N ARG B 230 -13.91 19.15 -10.52
CA ARG B 230 -12.77 18.85 -11.41
C ARG B 230 -13.23 18.71 -12.87
N ASN B 231 -12.38 19.18 -13.79
CA ASN B 231 -12.57 19.02 -15.23
C ASN B 231 -11.90 17.76 -15.81
N THR B 232 -10.96 17.16 -15.08
CA THR B 232 -10.35 15.91 -15.53
C THR B 232 -10.30 14.92 -14.38
N LYS B 233 -10.23 13.63 -14.73
CA LYS B 233 -10.12 12.57 -13.72
C LYS B 233 -8.83 12.73 -12.95
N VAL B 234 -8.84 12.29 -11.69
CA VAL B 234 -7.62 12.32 -10.90
C VAL B 234 -6.58 11.41 -11.55
N LYS B 235 -5.31 11.79 -11.37
CA LYS B 235 -4.25 11.13 -12.13
C LYS B 235 -4.03 9.66 -11.74
N VAL B 236 -4.41 9.31 -10.52
CA VAL B 236 -4.23 7.94 -10.07
C VAL B 236 -5.48 7.23 -9.57
N TYR B 237 -5.88 6.23 -10.35
CA TYR B 237 -7.04 5.40 -10.05
C TYR B 237 -6.95 4.87 -8.61
N TYR B 238 -5.74 4.43 -8.22
CA TYR B 238 -5.51 3.86 -6.91
C TYR B 238 -5.86 4.79 -5.76
N TRP B 239 -5.79 6.12 -5.97
CA TRP B 239 -6.07 7.11 -4.89
C TRP B 239 -7.41 7.82 -5.08
N ASP B 240 -8.19 7.47 -6.12
CA ASP B 240 -9.34 8.30 -6.51
C ASP B 240 -10.39 8.27 -5.37
N MET B 241 -10.68 9.42 -4.76
CA MET B 241 -11.50 9.47 -3.53
C MET B 241 -12.90 8.90 -3.75
N SER B 242 -13.46 9.13 -4.93
CA SER B 242 -14.81 8.62 -5.23
C SER B 242 -14.84 7.09 -5.27
N LEU B 243 -13.83 6.51 -5.93
CA LEU B 243 -13.78 5.07 -6.10
C LEU B 243 -13.38 4.35 -4.80
N VAL B 244 -12.38 4.85 -4.08
CA VAL B 244 -12.12 4.15 -2.80
C VAL B 244 -13.18 4.43 -1.74
N GLY B 245 -13.72 5.66 -1.76
CA GLY B 245 -14.90 6.00 -0.96
C GLY B 245 -16.07 5.05 -1.22
N ASP B 246 -16.31 4.71 -2.49
CA ASP B 246 -17.36 3.73 -2.85
C ASP B 246 -17.07 2.34 -2.30
N TYR B 247 -15.81 1.92 -2.45
CA TYR B 247 -15.38 0.64 -1.90
C TYR B 247 -15.62 0.64 -0.39
N TRP B 248 -15.36 1.78 0.26
CA TRP B 248 -15.55 1.90 1.72
C TRP B 248 -16.97 2.31 2.17
N GLY B 249 -17.93 2.28 1.25
CA GLY B 249 -19.35 2.54 1.62
C GLY B 249 -19.73 3.94 2.05
N CYS B 250 -19.10 4.95 1.42
CA CYS B 250 -19.19 6.33 1.91
C CYS B 250 -20.30 7.17 1.30
N PHE B 251 -20.66 6.85 0.06
CA PHE B 251 -21.49 7.75 -0.73
C PHE B 251 -22.81 7.05 -1.07
N GLY B 252 -23.54 7.44 -2.09
CA GLY B 252 -24.80 6.67 -2.32
C GLY B 252 -24.75 5.16 -2.63
N ARG B 253 -23.56 4.64 -2.96
CA ARG B 253 -23.49 3.70 -4.07
C ARG B 253 -23.19 2.24 -3.74
N PRO B 254 -23.39 1.33 -4.71
CA PRO B 254 -23.02 -0.07 -4.44
C PRO B 254 -21.53 -0.20 -4.16
N ARG B 255 -21.16 -1.18 -3.32
CA ARG B 255 -19.76 -1.53 -3.14
C ARG B 255 -19.30 -2.32 -4.33
N ILE B 256 -18.25 -1.85 -4.99
CA ILE B 256 -17.73 -2.62 -6.12
C ILE B 256 -16.24 -2.88 -5.95
N TYR B 257 -15.67 -3.63 -6.87
CA TYR B 257 -14.24 -3.94 -6.80
C TYR B 257 -13.45 -2.70 -7.16
N HIS B 258 -12.55 -2.30 -6.26
CA HIS B 258 -11.60 -1.25 -6.58
C HIS B 258 -10.18 -1.83 -6.55
N HIS B 259 -9.84 -2.44 -5.41
CA HIS B 259 -8.59 -3.19 -5.27
C HIS B 259 -8.78 -4.17 -4.09
N THR B 260 -7.86 -5.13 -3.96
CA THR B 260 -7.90 -6.11 -2.88
C THR B 260 -7.29 -5.52 -1.61
N ILE B 261 -8.12 -5.14 -0.63
CA ILE B 261 -7.56 -4.63 0.65
C ILE B 261 -6.81 -5.73 1.34
N SER B 262 -5.83 -5.33 2.13
CA SER B 262 -5.04 -6.29 2.88
C SER B 262 -5.75 -6.63 4.18
N SER B 263 -6.42 -7.78 4.22
CA SER B 263 -7.17 -8.07 5.44
C SER B 263 -6.26 -8.11 6.67
N THR B 264 -5.04 -8.61 6.52
CA THR B 264 -4.05 -8.60 7.60
C THR B 264 -3.88 -7.22 8.24
N LEU B 265 -3.63 -6.21 7.40
CA LEU B 265 -3.46 -4.87 7.91
C LEU B 265 -4.76 -4.32 8.49
N LEU B 266 -5.91 -4.69 7.89
CA LEU B 266 -7.19 -4.34 8.50
C LEU B 266 -7.30 -4.86 9.92
N TYR B 267 -6.91 -6.12 10.14
CA TYR B 267 -6.98 -6.77 11.49
C TYR B 267 -6.13 -6.01 12.50
N GLY B 268 -4.89 -5.71 12.13
CA GLY B 268 -3.99 -5.00 13.05
C GLY B 268 -4.49 -3.58 13.34
N LEU B 269 -4.89 -2.86 12.28
CA LEU B 269 -5.41 -1.50 12.44
C LEU B 269 -6.68 -1.47 13.27
N ARG B 270 -7.59 -2.41 13.01
CA ARG B 270 -8.86 -2.45 13.74
C ARG B 270 -8.57 -2.65 15.23
N GLU B 271 -7.68 -3.58 15.57
CA GLU B 271 -7.35 -3.78 16.98
C GLU B 271 -6.65 -2.57 17.57
N ALA B 272 -5.75 -1.96 16.83
CA ALA B 272 -5.05 -0.77 17.34
C ALA B 272 -6.02 0.38 17.63
N ILE B 273 -6.92 0.62 16.68
CA ILE B 273 -7.93 1.67 16.83
C ILE B 273 -8.86 1.33 18.03
N ALA B 274 -9.29 0.08 18.14
CA ALA B 274 -10.12 -0.34 19.29
C ALA B 274 -9.45 0.00 20.61
N MET B 275 -8.15 -0.30 20.71
CA MET B 275 -7.41 0.00 21.93
C MET B 275 -7.34 1.50 22.22
N ALA B 276 -7.08 2.31 21.18
CA ALA B 276 -7.03 3.76 21.32
C ALA B 276 -8.38 4.33 21.74
N CYS B 277 -9.45 3.88 21.10
CA CYS B 277 -10.80 4.36 21.44
C CYS B 277 -11.18 4.00 22.88
N GLU B 278 -10.75 2.82 23.32
CA GLU B 278 -11.05 2.37 24.69
C GLU B 278 -10.28 3.22 25.71
N GLU B 279 -9.02 3.56 25.43
CA GLU B 279 -8.33 4.51 26.30
C GLU B 279 -8.99 5.88 26.26
N GLY B 280 -9.44 6.31 25.08
CA GLY B 280 -10.09 7.61 24.92
C GLY B 280 -9.11 8.73 24.66
N LEU B 281 -9.49 9.67 23.79
CA LEU B 281 -8.58 10.75 23.41
C LEU B 281 -8.00 11.55 24.60
N PRO B 282 -8.86 12.00 25.56
CA PRO B 282 -8.27 12.79 26.65
C PRO B 282 -7.11 12.08 27.37
N ALA B 283 -7.30 10.82 27.74
CA ALA B 283 -6.28 10.05 28.46
C ALA B 283 -5.09 9.76 27.54
N LEU B 284 -5.39 9.38 26.30
CA LEU B 284 -4.34 9.07 25.31
C LEU B 284 -3.43 10.28 25.10
N ILE B 285 -4.00 11.44 24.80
CA ILE B 285 -3.14 12.58 24.58
C ILE B 285 -2.42 13.06 25.84
N ALA B 286 -3.11 13.00 26.98
CA ALA B 286 -2.47 13.38 28.25
C ALA B 286 -1.25 12.48 28.55
N ARG B 287 -1.38 11.19 28.28
CA ARG B 287 -0.31 10.23 28.51
C ARG B 287 0.95 10.59 27.69
N HIS B 288 0.76 10.90 26.42
CA HIS B 288 1.89 11.26 25.56
C HIS B 288 2.51 12.57 26.01
N GLU B 289 1.69 13.58 26.28
CA GLU B 289 2.17 14.87 26.79
C GLU B 289 2.93 14.70 28.12
N ASP B 290 2.40 13.87 29.00
CA ASP B 290 3.02 13.72 30.31
C ASP B 290 4.36 12.98 30.21
N CYS B 291 4.41 11.98 29.33
CA CYS B 291 5.66 11.24 29.07
C CYS B 291 6.72 12.17 28.48
N ALA B 292 6.30 13.03 27.56
CA ALA B 292 7.21 14.01 26.95
C ALA B 292 7.81 14.94 28.02
N LYS B 293 6.96 15.43 28.94
CA LYS B 293 7.44 16.29 30.02
C LYS B 293 8.51 15.58 30.85
N ARG B 294 8.28 14.30 31.15
CA ARG B 294 9.26 13.50 31.90
C ARG B 294 10.58 13.38 31.12
N LEU B 295 10.46 13.14 29.80
CA LEU B 295 11.63 13.05 28.93
C LEU B 295 12.40 14.36 28.93
N TYR B 296 11.71 15.49 28.81
CA TYR B 296 12.39 16.81 28.81
C TYR B 296 13.18 17.04 30.08
N ARG B 297 12.60 16.72 31.22
CA ARG B 297 13.25 16.94 32.52
C ARG B 297 14.54 16.11 32.60
N GLY B 298 14.45 14.84 32.23
CA GLY B 298 15.62 13.96 32.19
C GLY B 298 16.71 14.41 31.24
N LEU B 299 16.33 14.79 30.01
CA LEU B 299 17.30 15.30 29.03
C LEU B 299 17.95 16.58 29.51
N GLN B 300 17.15 17.51 30.02
CA GLN B 300 17.68 18.80 30.40
C GLN B 300 18.53 18.72 31.66
N ASP B 301 18.17 17.81 32.58
CA ASP B 301 19.01 17.54 33.77
C ASP B 301 20.39 17.00 33.37
N ALA B 302 20.43 16.21 32.30
CA ALA B 302 21.69 15.61 31.84
C ALA B 302 22.54 16.57 30.98
N GLY B 303 22.03 17.77 30.78
CA GLY B 303 22.75 18.81 30.04
C GLY B 303 22.53 18.81 28.53
N PHE B 304 21.53 18.07 28.05
CA PHE B 304 21.21 18.08 26.63
C PHE B 304 20.38 19.30 26.26
N GLU B 305 20.50 19.73 25.01
CA GLU B 305 19.75 20.88 24.51
C GLU B 305 18.68 20.39 23.53
N LEU B 306 17.44 20.80 23.74
CA LEU B 306 16.36 20.46 22.82
C LEU B 306 16.32 21.43 21.65
N TYR B 307 15.96 20.90 20.47
CA TYR B 307 15.98 21.63 19.21
C TYR B 307 14.77 22.55 19.05
N ALA B 308 13.59 22.06 19.39
CA ALA B 308 12.38 22.84 19.16
C ALA B 308 12.19 23.94 20.18
N ASP B 309 11.62 25.05 19.74
CA ASP B 309 11.20 26.10 20.67
C ASP B 309 10.27 25.51 21.75
N PRO B 310 10.53 25.83 23.03
CA PRO B 310 9.70 25.30 24.12
C PRO B 310 8.18 25.47 23.94
N LYS B 311 7.76 26.49 23.20
CA LYS B 311 6.33 26.74 23.06
C LYS B 311 5.74 25.84 21.98
N ASP B 312 6.62 25.18 21.21
CA ASP B 312 6.23 24.57 19.94
C ASP B 312 6.47 23.06 19.86
N ARG B 313 6.66 22.41 21.01
CA ARG B 313 7.08 21.00 21.02
C ARG B 313 5.96 20.01 20.77
N LEU B 314 6.29 18.99 19.99
CA LEU B 314 5.39 17.87 19.70
C LEU B 314 5.70 16.72 20.66
N SER B 315 4.71 16.27 21.44
CA SER B 315 4.99 15.26 22.48
C SER B 315 5.61 13.99 21.92
N THR B 316 5.20 13.59 20.71
CA THR B 316 5.54 12.27 20.20
C THR B 316 6.94 12.15 19.58
N VAL B 317 7.53 13.27 19.15
CA VAL B 317 8.88 13.23 18.61
C VAL B 317 9.69 14.38 19.17
N THR B 318 10.74 14.03 19.93
CA THR B 318 11.57 15.04 20.58
C THR B 318 12.91 15.14 19.87
N THR B 319 13.22 16.33 19.36
CA THR B 319 14.49 16.57 18.68
C THR B 319 15.48 17.14 19.68
N ILE B 320 16.64 16.52 19.72
CA ILE B 320 17.63 16.95 20.65
C ILE B 320 18.95 17.21 19.91
N LYS B 321 19.56 18.36 20.18
CA LYS B 321 20.79 18.73 19.48
C LYS B 321 21.90 17.71 19.73
N VAL B 322 22.59 17.29 18.67
CA VAL B 322 23.76 16.40 18.83
C VAL B 322 24.89 17.20 19.47
N PRO B 323 25.37 16.76 20.64
CA PRO B 323 26.36 17.54 21.39
C PRO B 323 27.70 17.67 20.68
N GLN B 324 28.46 18.69 21.09
CA GLN B 324 29.85 18.89 20.67
C GLN B 324 30.63 17.58 20.60
N GLY B 325 31.06 17.23 19.40
CA GLY B 325 31.99 16.12 19.19
C GLY B 325 31.44 14.70 19.13
N VAL B 326 30.14 14.53 19.38
CA VAL B 326 29.59 13.17 19.33
C VAL B 326 29.12 12.77 17.93
N ASP B 327 29.48 11.54 17.56
CA ASP B 327 29.10 10.93 16.31
C ASP B 327 27.73 10.29 16.57
N TRP B 328 26.67 10.91 16.06
CA TRP B 328 25.33 10.42 16.37
C TRP B 328 25.11 8.98 15.91
N LEU B 329 25.66 8.63 14.75
CA LEU B 329 25.44 7.31 14.18
C LEU B 329 26.14 6.29 15.09
N LYS B 330 27.34 6.62 15.56
CA LYS B 330 28.05 5.73 16.50
C LYS B 330 27.27 5.52 17.80
N ALA B 331 26.64 6.59 18.28
CA ALA B 331 25.81 6.52 19.50
C ALA B 331 24.60 5.62 19.27
N ALA B 332 23.93 5.81 18.13
CA ALA B 332 22.81 4.93 17.77
C ALA B 332 23.23 3.46 17.71
N GLN B 333 24.38 3.19 17.10
CA GLN B 333 24.84 1.81 16.94
C GLN B 333 25.16 1.18 18.29
N TYR B 334 25.76 1.97 19.17
CA TYR B 334 26.08 1.49 20.52
C TYR B 334 24.80 1.06 21.24
N ALA B 335 23.76 1.88 21.15
CA ALA B 335 22.49 1.58 21.82
C ALA B 335 21.85 0.32 21.26
N MET B 336 21.88 0.17 19.93
CA MET B 336 21.28 -1.00 19.27
C MET B 336 22.02 -2.30 19.59
N LYS B 337 23.35 -2.24 19.50
CA LYS B 337 24.17 -3.45 19.74
C LYS B 337 24.10 -3.85 21.20
N THR B 338 24.09 -2.88 22.11
CA THR B 338 24.11 -3.29 23.50
C THR B 338 22.75 -3.62 24.08
N TYR B 339 21.71 -2.89 23.67
CA TYR B 339 20.38 -2.98 24.31
C TYR B 339 19.21 -3.35 23.40
N LEU B 340 19.46 -3.43 22.11
CA LEU B 340 18.39 -3.58 21.12
C LEU B 340 17.35 -2.44 21.26
N VAL B 341 17.81 -1.25 21.64
CA VAL B 341 16.94 -0.07 21.57
C VAL B 341 17.35 0.92 20.49
N GLU B 342 16.34 1.37 19.76
CA GLU B 342 16.55 2.26 18.65
C GLU B 342 16.53 3.71 19.11
N ILE B 343 17.61 4.43 18.81
CA ILE B 343 17.57 5.89 18.91
C ILE B 343 17.93 6.42 17.51
N SER B 344 17.22 7.44 17.07
CA SER B 344 17.32 7.86 15.67
C SER B 344 18.06 9.18 15.52
N GLY B 345 18.54 9.43 14.30
CA GLY B 345 19.10 10.73 13.94
C GLY B 345 17.98 11.58 13.38
N GLY B 346 18.38 12.57 12.58
CA GLY B 346 17.42 13.56 12.06
C GLY B 346 16.82 13.20 10.71
N LEU B 347 16.15 14.18 10.11
CA LEU B 347 15.44 13.99 8.84
C LEU B 347 15.38 15.32 8.08
N GLY B 348 15.68 15.29 6.78
CA GLY B 348 15.55 16.51 5.96
C GLY B 348 16.45 17.59 6.52
N PRO B 349 15.89 18.74 6.91
CA PRO B 349 16.74 19.86 7.37
C PRO B 349 17.52 19.59 8.65
N THR B 350 17.06 18.64 9.46
CA THR B 350 17.78 18.30 10.68
C THR B 350 18.70 17.07 10.55
N ALA B 351 18.86 16.55 9.34
CA ALA B 351 19.76 15.40 9.11
C ALA B 351 21.14 15.74 9.60
N GLY B 352 21.67 14.86 10.45
CA GLY B 352 22.98 15.04 11.06
C GLY B 352 23.08 16.04 12.20
N GLN B 353 21.97 16.74 12.49
CA GLN B 353 21.98 17.83 13.47
C GLN B 353 21.34 17.42 14.79
N VAL B 354 20.50 16.39 14.75
CA VAL B 354 19.73 16.03 15.95
C VAL B 354 19.63 14.53 16.13
N PHE B 355 19.30 14.14 17.36
CA PHE B 355 18.70 12.82 17.62
C PHE B 355 17.20 13.04 17.72
N ARG B 356 16.42 11.99 17.44
CA ARG B 356 14.97 12.05 17.60
C ARG B 356 14.52 10.88 18.43
N ILE B 357 13.89 11.19 19.57
CA ILE B 357 13.31 10.18 20.42
C ILE B 357 11.80 10.24 20.28
N GLY B 358 11.22 9.12 19.89
CA GLY B 358 9.77 8.99 19.76
C GLY B 358 9.17 8.38 21.01
N LEU B 359 8.05 8.95 21.43
CA LEU B 359 7.25 8.44 22.55
C LEU B 359 5.88 8.24 21.98
N MET B 360 5.62 7.01 21.58
CA MET B 360 4.39 6.69 20.84
C MET B 360 3.77 5.36 21.28
N GLY B 361 2.48 5.43 21.62
CA GLY B 361 1.66 4.24 21.81
C GLY B 361 2.18 3.38 22.96
N GLN B 362 2.60 2.17 22.63
CA GLN B 362 3.11 1.24 23.65
C GLN B 362 4.35 1.81 24.35
N ASN B 363 5.05 2.73 23.69
CA ASN B 363 6.30 3.29 24.21
C ASN B 363 6.17 4.58 25.03
N ALA B 364 4.97 5.14 25.10
CA ALA B 364 4.70 6.34 25.91
C ALA B 364 4.28 5.87 27.31
N THR B 365 5.24 5.31 28.04
CA THR B 365 5.04 4.92 29.42
C THR B 365 6.22 5.45 30.23
N THR B 366 6.01 5.60 31.54
CA THR B 366 7.07 6.08 32.42
C THR B 366 8.28 5.13 32.39
N GLU B 367 8.01 3.82 32.38
CA GLU B 367 9.05 2.79 32.26
C GLU B 367 9.91 2.95 31.00
N ARG B 368 9.25 3.19 29.86
CA ARG B 368 10.00 3.30 28.60
C ARG B 368 10.69 4.66 28.43
N VAL B 369 10.11 5.70 29.00
CA VAL B 369 10.80 7.00 29.07
C VAL B 369 12.10 6.82 29.85
N ASP B 370 11.99 6.18 31.02
CA ASP B 370 13.18 5.99 31.85
C ASP B 370 14.23 5.12 31.17
N ARG B 371 13.80 4.07 30.48
CA ARG B 371 14.69 3.19 29.73
C ARG B 371 15.43 3.94 28.62
N VAL B 372 14.71 4.68 27.78
CA VAL B 372 15.37 5.44 26.71
C VAL B 372 16.29 6.56 27.26
N LEU B 373 15.91 7.20 28.36
CA LEU B 373 16.81 8.18 29.00
C LEU B 373 18.12 7.54 29.42
N GLN B 374 18.01 6.39 30.08
CA GLN B 374 19.19 5.60 30.50
C GLN B 374 20.07 5.23 29.29
N VAL B 375 19.49 4.57 28.28
CA VAL B 375 20.35 4.11 27.18
C VAL B 375 20.87 5.23 26.31
N PHE B 376 20.05 6.26 26.10
CA PHE B 376 20.51 7.43 25.34
C PHE B 376 21.74 8.05 26.01
N GLN B 377 21.65 8.26 27.33
CA GLN B 377 22.75 8.84 28.07
C GLN B 377 24.00 7.99 28.02
N GLU B 378 23.84 6.68 28.19
CA GLU B 378 24.98 5.75 28.12
C GLU B 378 25.64 5.74 26.74
N ALA B 379 24.81 5.71 25.69
CA ALA B 379 25.30 5.69 24.31
C ALA B 379 26.07 6.94 23.95
N VAL B 380 25.54 8.10 24.34
CA VAL B 380 26.24 9.36 24.07
C VAL B 380 27.54 9.39 24.86
N ALA B 381 27.49 9.01 26.14
CA ALA B 381 28.70 9.00 26.98
C ALA B 381 29.75 8.04 26.42
N ALA B 382 29.29 6.90 25.87
CA ALA B 382 30.21 5.90 25.30
C ALA B 382 31.06 6.41 24.13
N VAL B 383 30.50 7.29 23.32
CA VAL B 383 31.19 7.74 22.11
C VAL B 383 31.80 9.13 22.24
N LYS B 384 31.53 9.80 23.37
CA LYS B 384 31.95 11.18 23.53
C LYS B 384 33.46 11.26 23.77
N PRO B 385 34.15 12.22 23.11
CA PRO B 385 35.59 12.50 23.31
C PRO B 385 35.97 12.58 24.78
C1 1BO C . -13.23 -9.25 -7.56
C2 1BO C . -11.78 -9.31 -7.98
C3 1BO C . -11.54 -10.45 -8.96
C4 1BO C . -10.06 -10.58 -9.27
OH 1BO C . -9.92 -11.27 -10.52
C1 1BO D . 13.27 7.50 8.74
C2 1BO D . 12.57 8.83 8.91
C3 1BO D . 11.62 8.88 10.10
C4 1BO D . 10.88 10.20 9.98
OH 1BO D . 9.89 10.41 10.98
#